data_7U2K
#
_entry.id   7U2K
#
_cell.length_a   1.00
_cell.length_b   1.00
_cell.length_c   1.00
_cell.angle_alpha   90.00
_cell.angle_beta   90.00
_cell.angle_gamma   90.00
#
_symmetry.space_group_name_H-M   'P 1'
#
loop_
_entity.id
_entity.type
_entity.pdbx_description
1 polymer 'Guanine nucleotide-binding protein G(I)/G(S)/G(T) subunit beta-1'
2 polymer 'Guanine nucleotide-binding protein G(I)/G(S)/G(O) subunit gamma-2'
3 polymer 'Mu-type opioid receptor'
4 polymer 'Guanine nucleotide-binding protein G(i) subunit alpha-1'
5 non-polymer N-(6-carbamimidamidohexyl)-N-[1-(2-phenylethyl)piperidin-4-yl]propanamide
#
loop_
_entity_poly.entity_id
_entity_poly.type
_entity_poly.pdbx_seq_one_letter_code
_entity_poly.pdbx_strand_id
1 'polypeptide(L)'
;PGSSGSELDQLRQEAEQLKNQIRDARKACADATLSQITNNIDPVGRIQMRTRRTLRGHLAKIYAMHWGTDSRLLVSASQD
GKLIIWDSYTTNKVHAIPLRSSWVMTCAYAPSGNYVACGGLDNICSIYNLKTREGNVRVSRELAGHTGYLSCCRFLDDNQ
IVTSSGDTTCALWDIETGQQTTTFTGHTGDVMSLSLAPDTRLFVSGACDASAKLWDVREGMCRQTFTGHESDINAICFFP
NGNAFATGSDDATCRLFDLRADQELMTYSHDNIICGITSVSFSKSGRLLLAGYDDFNCNVWDALKADRAGVLAGHDNRVS
CLGVTDDGMAVATGSWDSFLKIWN
;
B
2 'polypeptide(L)' MASNNTASIAQARKLVEQLKMEANIDRIKVSKAAADLMAYCEAHAKEDPLLTPVPASENPFREKKFFCAIL C
3 'polypeptide(L)'
;NISDCSDPLAPASCSPAPGSWLNLSHVDGNQSDPCGPNRTGLGENLYFQGSHSLCPQTGSPSMVTAITIMALYSIVCVVG
LFGNFLVMYVIVRYTKMKTATNIYIFNLALADALATSTLPFQSVNYLMGTWPFGNILCKIVISIDYYNMFTSIFTLCTMS
VDRYIAVCHPVKALDFRTPRNAKIVNVCNWILSSAIGLPVMFMATTKYRQGSIDCTLTFSHPTWYWENLLKICVFIFAFI
MPVLIITVCYGLMILRLKSVRMLSGSKEKDRNLRRITRMVLVVVAVFIVCWTPIHIYVIIKALITIPETTFQTVSWHFCI
ALGYTNSCLNPVLYAFLDENFKRCFREFCIPTSSTI
;
D
4 'polypeptide(L)'
;MGCTLSAEDKAAVERSKMIDRNLREDGEKAAREVKLLLLGAGESGKSTIVKQMKIIHEAGYSEEECKQYKAVVYSNTIQS
IIAIIRAMGRLKIDFGDSARADDARQLFVLAGAAEEGFMTAELAGVIKRLWKDSGVQACFNRSREYQLNDSAAYYLNDLD
RIAQPNYIPTQQDVLRTRVKTTGIVETHFTFKDLHFKMFDVGGQRSERKKWIHCFEGVTAIIFCVALSDYDLVLAEDEEM
NRMHESMKLFDSICNNKWFTDTSIILFLNKKDLFEEKIKKSPLTICYPEYAGSNTYEEAAAYIQCQFEDLNKRKDTKEIY
THFTCATDTKNVQFVFDAVTDVIIKNNLKDCGLF
;
A
#
loop_
_chem_comp.id
_chem_comp.type
_chem_comp.name
_chem_comp.formula
KZR non-polymer N-(6-carbamimidamidohexyl)-N-[1-(2-phenylethyl)piperidin-4-yl]propanamide 'C23 H39 N5 O'
#
# COMPACT_ATOMS: atom_id res chain seq x y z
N ASP A 9 -31.08 25.78 35.34
CA ASP A 9 -30.40 26.13 36.59
C ASP A 9 -29.27 27.14 36.34
N GLN A 10 -28.84 27.81 37.40
CA GLN A 10 -27.80 28.82 37.29
C GLN A 10 -26.40 28.23 37.27
N LEU A 11 -26.27 26.92 37.43
CA LEU A 11 -24.95 26.31 37.43
C LEU A 11 -24.23 26.50 36.10
N ARG A 12 -24.98 26.36 34.99
CA ARG A 12 -24.34 26.40 33.67
C ARG A 12 -23.59 27.70 33.43
N GLN A 13 -24.03 28.79 34.06
CA GLN A 13 -23.28 30.03 33.98
C GLN A 13 -22.28 30.18 35.11
N GLU A 14 -22.52 29.52 36.24
CA GLU A 14 -21.57 29.57 37.32
C GLU A 14 -20.27 28.85 36.98
N ALA A 15 -20.34 27.77 36.19
CA ALA A 15 -19.13 27.10 35.75
C ALA A 15 -18.25 28.05 34.93
N GLU A 16 -18.87 29.01 34.25
CA GLU A 16 -18.11 29.99 33.49
C GLU A 16 -17.23 30.85 34.40
N GLN A 17 -17.65 31.05 35.65
CA GLN A 17 -16.83 31.79 36.58
C GLN A 17 -15.53 31.06 36.85
N LEU A 18 -15.62 29.76 37.16
CA LEU A 18 -14.41 28.99 37.42
C LEU A 18 -13.52 28.91 36.20
N LYS A 19 -14.11 28.65 35.03
CA LYS A 19 -13.33 28.60 33.81
C LYS A 19 -12.65 29.94 33.51
N ASN A 20 -13.14 31.01 34.10
CA ASN A 20 -12.47 32.30 33.98
C ASN A 20 -11.53 32.57 35.15
N GLN A 21 -11.79 31.98 36.31
CA GLN A 21 -10.88 32.13 37.43
C GLN A 21 -9.55 31.43 37.16
N ILE A 22 -9.61 30.24 36.56
CA ILE A 22 -8.40 29.48 36.30
C ILE A 22 -7.49 30.20 35.32
N ARG A 23 -8.07 30.72 34.24
CA ARG A 23 -7.26 31.33 33.19
C ARG A 23 -6.42 32.48 33.74
N ASP A 24 -6.97 33.25 34.66
CA ASP A 24 -6.21 34.35 35.23
C ASP A 24 -5.19 33.85 36.24
N ALA A 25 -5.51 32.78 36.97
CA ALA A 25 -4.57 32.24 37.94
C ALA A 25 -3.30 31.76 37.27
N ARG A 26 -3.43 30.99 36.19
CA ARG A 26 -2.26 30.55 35.46
C ARG A 26 -1.66 31.63 34.59
N LYS A 27 -2.35 32.75 34.41
CA LYS A 27 -1.73 33.90 33.76
C LYS A 27 -0.81 34.63 34.72
N ALA A 28 -1.14 34.64 36.00
CA ALA A 28 -0.32 35.35 36.97
C ALA A 28 1.04 34.70 37.17
N CYS A 29 1.22 33.46 36.72
CA CYS A 29 2.46 32.73 36.90
C CYS A 29 3.17 32.50 35.57
N ALA A 30 3.16 33.49 34.69
CA ALA A 30 3.77 33.34 33.36
C ALA A 30 4.62 34.57 33.06
N ASP A 31 5.90 34.51 33.44
CA ASP A 31 6.88 35.53 33.07
C ASP A 31 8.00 34.95 32.21
N ALA A 32 7.88 33.69 31.81
CA ALA A 32 8.98 32.97 31.17
C ALA A 32 9.37 33.50 29.81
N THR A 33 8.48 33.36 28.83
CA THR A 33 8.87 33.32 27.43
C THR A 33 10.08 32.40 27.26
N LEU A 34 9.84 31.10 27.49
CA LEU A 34 10.90 30.10 27.43
C LEU A 34 11.83 30.33 26.23
N SER A 35 11.31 30.88 25.14
CA SER A 35 12.17 31.26 24.03
C SER A 35 13.12 32.39 24.40
N GLN A 36 12.90 33.07 25.52
CA GLN A 36 13.82 34.09 25.99
C GLN A 36 14.81 33.56 27.03
N ILE A 37 14.41 32.56 27.82
CA ILE A 37 15.36 31.95 28.74
C ILE A 37 16.44 31.21 27.98
N THR A 38 16.12 30.69 26.80
CA THR A 38 16.97 29.74 26.10
C THR A 38 17.53 30.37 24.82
N ASN A 39 17.97 31.63 24.91
CA ASN A 39 18.65 32.24 23.78
C ASN A 39 20.16 32.18 23.89
N ASN A 40 20.70 31.74 25.03
CA ASN A 40 22.14 31.63 25.21
C ASN A 40 22.65 30.20 25.03
N ILE A 41 21.81 29.28 24.57
CA ILE A 41 22.23 27.90 24.38
C ILE A 41 22.76 27.71 22.97
N ASP A 42 23.91 27.09 22.85
CA ASP A 42 24.46 26.80 21.52
C ASP A 42 23.56 25.80 20.80
N PRO A 43 23.31 26.00 19.51
CA PRO A 43 22.35 25.13 18.81
C PRO A 43 22.87 23.71 18.63
N VAL A 44 21.98 22.79 18.29
CA VAL A 44 22.37 21.42 18.04
C VAL A 44 23.13 21.28 16.73
N GLY A 45 22.81 22.08 15.74
CA GLY A 45 23.49 22.03 14.46
C GLY A 45 22.65 21.31 13.42
N ARG A 46 23.25 20.32 12.76
CA ARG A 46 22.54 19.51 11.78
C ARG A 46 22.63 18.05 12.18
N ILE A 47 21.55 17.33 11.93
CA ILE A 47 21.44 15.92 12.26
C ILE A 47 21.23 15.14 10.97
N GLN A 48 22.19 14.29 10.63
CA GLN A 48 22.05 13.38 9.51
C GLN A 48 22.00 11.96 10.04
N MET A 49 20.94 11.24 9.71
CA MET A 49 20.79 9.84 10.06
C MET A 49 20.57 9.02 8.81
N ARG A 50 21.08 7.80 8.82
CA ARG A 50 20.98 6.90 7.68
C ARG A 50 20.31 5.61 8.11
N THR A 51 19.46 5.06 7.24
CA THR A 51 18.84 3.78 7.56
C THR A 51 19.92 2.72 7.70
N ARG A 52 19.86 1.96 8.78
CA ARG A 52 20.79 0.86 8.98
C ARG A 52 20.14 -0.50 8.83
N ARG A 53 18.82 -0.56 8.72
CA ARG A 53 18.09 -1.81 8.54
C ARG A 53 16.87 -1.53 7.69
N THR A 54 16.19 -2.60 7.30
CA THR A 54 14.89 -2.47 6.65
C THR A 54 14.20 -3.82 6.81
N LEU A 55 13.15 -3.86 7.62
CA LEU A 55 12.47 -5.10 7.92
C LEU A 55 11.27 -5.24 6.97
N ARG A 56 11.31 -6.26 6.13
CA ARG A 56 10.39 -6.40 5.00
C ARG A 56 9.68 -7.75 5.06
N GLY A 57 8.55 -7.80 5.74
CA GLY A 57 7.77 -9.01 5.67
C GLY A 57 6.28 -8.81 5.51
N HIS A 58 5.79 -7.61 5.74
CA HIS A 58 4.36 -7.37 5.82
C HIS A 58 3.77 -7.20 4.42
N LEU A 59 2.48 -7.51 4.30
CA LEU A 59 1.79 -7.45 3.02
C LEU A 59 0.66 -6.43 3.00
N ALA A 60 0.68 -5.46 3.90
CA ALA A 60 -0.34 -4.41 3.91
C ALA A 60 0.15 -3.31 4.84
N LYS A 61 -0.70 -2.31 5.04
CA LYS A 61 -0.32 -1.18 5.87
C LYS A 61 -0.07 -1.66 7.30
N ILE A 62 0.87 -1.01 7.97
CA ILE A 62 1.17 -1.34 9.37
C ILE A 62 0.75 -0.15 10.23
N TYR A 63 0.15 -0.45 11.37
CA TYR A 63 -0.55 0.55 12.16
C TYR A 63 0.06 0.83 13.51
N ALA A 64 1.00 0.02 13.98
CA ALA A 64 1.54 0.21 15.31
C ALA A 64 2.91 -0.44 15.39
N MET A 65 3.57 -0.23 16.52
CA MET A 65 4.94 -0.64 16.72
C MET A 65 5.30 -0.40 18.18
N HIS A 66 6.17 -1.24 18.73
CA HIS A 66 6.59 -1.04 20.11
C HIS A 66 7.87 -1.81 20.35
N TRP A 67 8.87 -1.16 20.93
CA TRP A 67 10.12 -1.82 21.27
C TRP A 67 9.98 -2.61 22.56
N GLY A 68 10.82 -3.60 22.71
CA GLY A 68 10.96 -4.23 24.00
C GLY A 68 11.95 -3.51 24.88
N THR A 69 11.87 -3.78 26.18
CA THR A 69 12.83 -3.15 27.08
C THR A 69 14.24 -3.65 26.84
N ASP A 70 14.40 -4.78 26.16
CA ASP A 70 15.71 -5.23 25.74
C ASP A 70 16.35 -4.23 24.79
N SER A 71 15.55 -3.41 24.14
CA SER A 71 15.98 -2.56 23.02
C SER A 71 16.58 -3.37 21.89
N ARG A 72 16.15 -4.62 21.77
CA ARG A 72 16.56 -5.45 20.66
C ARG A 72 15.38 -6.01 19.88
N LEU A 73 14.33 -6.46 20.54
CA LEU A 73 13.16 -7.03 19.89
C LEU A 73 12.06 -5.98 19.78
N LEU A 74 11.31 -6.02 18.68
CA LEU A 74 10.15 -5.17 18.54
C LEU A 74 9.02 -5.95 17.91
N VAL A 75 7.79 -5.50 18.18
CA VAL A 75 6.58 -6.13 17.69
C VAL A 75 5.86 -5.14 16.80
N SER A 76 5.28 -5.61 15.71
CA SER A 76 4.63 -4.72 14.76
C SER A 76 3.41 -5.38 14.16
N ALA A 77 2.28 -4.69 14.19
CA ALA A 77 1.00 -5.23 13.72
C ALA A 77 0.58 -4.52 12.45
N SER A 78 0.20 -5.30 11.44
CA SER A 78 -0.31 -4.77 10.19
C SER A 78 -1.72 -5.30 10.01
N GLN A 79 -2.40 -4.83 8.97
CA GLN A 79 -3.80 -5.17 8.77
C GLN A 79 -4.00 -6.32 7.80
N ASP A 80 -2.94 -7.05 7.48
CA ASP A 80 -3.11 -8.31 6.76
C ASP A 80 -3.48 -9.45 7.68
N GLY A 81 -3.58 -9.20 8.98
CA GLY A 81 -3.92 -10.25 9.91
C GLY A 81 -2.73 -10.94 10.52
N LYS A 82 -1.64 -10.21 10.76
CA LYS A 82 -0.38 -10.82 11.27
C LYS A 82 0.37 -9.82 12.15
N LEU A 83 0.65 -10.18 13.41
CA LEU A 83 1.51 -9.32 14.26
C LEU A 83 2.79 -10.12 14.52
N ILE A 84 3.91 -9.70 13.92
CA ILE A 84 5.16 -10.52 14.03
C ILE A 84 6.21 -9.86 14.91
N ILE A 85 7.15 -10.65 15.45
CA ILE A 85 8.16 -10.13 16.37
C ILE A 85 9.51 -10.22 15.68
N TRP A 86 10.13 -9.08 15.42
CA TRP A 86 11.36 -9.02 14.66
C TRP A 86 12.55 -9.16 15.60
N ASP A 87 13.73 -8.88 15.08
CA ASP A 87 14.96 -8.88 15.86
C ASP A 87 15.88 -7.87 15.19
N SER A 88 16.05 -6.71 15.82
CA SER A 88 16.61 -5.56 15.13
C SER A 88 18.02 -5.84 14.61
N TYR A 89 18.85 -6.49 15.41
CA TYR A 89 20.25 -6.61 15.06
C TYR A 89 20.46 -7.45 13.82
N THR A 90 19.83 -8.63 13.76
CA THR A 90 20.06 -9.57 12.67
C THR A 90 18.82 -9.78 11.80
N THR A 91 17.88 -8.84 11.84
CA THR A 91 16.67 -8.80 11.00
C THR A 91 15.98 -10.13 10.78
N ASN A 92 15.96 -11.01 11.77
CA ASN A 92 15.23 -12.26 11.68
C ASN A 92 13.78 -12.04 12.12
N LYS A 93 13.01 -13.12 12.15
CA LYS A 93 11.69 -13.12 12.76
C LYS A 93 11.63 -14.26 13.76
N VAL A 94 11.18 -13.98 14.98
CA VAL A 94 11.16 -15.02 16.00
C VAL A 94 9.75 -15.52 16.30
N HIS A 95 8.72 -14.94 15.71
CA HIS A 95 7.35 -15.36 15.87
C HIS A 95 6.49 -14.67 14.83
N ALA A 96 5.45 -15.35 14.36
CA ALA A 96 4.49 -14.75 13.44
C ALA A 96 3.12 -15.23 13.88
N ILE A 97 2.40 -14.38 14.59
CA ILE A 97 1.15 -14.76 15.25
C ILE A 97 -0.01 -14.44 14.31
N PRO A 98 -0.77 -15.42 13.88
CA PRO A 98 -1.98 -15.12 13.11
C PRO A 98 -3.15 -14.90 14.05
N LEU A 99 -3.90 -13.84 13.85
CA LEU A 99 -4.92 -13.43 14.81
C LEU A 99 -6.27 -13.38 14.14
N ARG A 100 -7.32 -13.44 14.96
CA ARG A 100 -8.66 -13.72 14.45
C ARG A 100 -9.24 -12.55 13.68
N SER A 101 -9.14 -11.35 14.21
CA SER A 101 -9.74 -10.17 13.59
C SER A 101 -8.69 -9.47 12.75
N SER A 102 -8.96 -9.35 11.46
CA SER A 102 -7.99 -8.76 10.54
C SER A 102 -7.83 -7.27 10.71
N TRP A 103 -8.66 -6.61 11.51
CA TRP A 103 -8.62 -5.16 11.69
C TRP A 103 -7.98 -4.86 13.04
N VAL A 104 -6.83 -4.21 13.00
CA VAL A 104 -6.02 -3.99 14.20
C VAL A 104 -5.44 -2.60 14.15
N MET A 105 -5.41 -1.92 15.31
CA MET A 105 -4.87 -0.57 15.35
C MET A 105 -3.98 -0.30 16.55
N THR A 106 -3.35 -1.31 17.15
CA THR A 106 -2.52 -1.05 18.31
C THR A 106 -1.66 -2.26 18.66
N CYS A 107 -0.63 -2.01 19.46
CA CYS A 107 0.25 -3.04 19.99
C CYS A 107 0.81 -2.59 21.33
N ALA A 108 1.26 -3.57 22.10
CA ALA A 108 2.02 -3.32 23.30
C ALA A 108 2.97 -4.49 23.46
N TYR A 109 3.90 -4.39 24.40
CA TYR A 109 4.86 -5.48 24.55
C TYR A 109 5.40 -5.36 25.96
N ALA A 110 5.12 -6.37 26.78
CA ALA A 110 5.23 -6.22 28.22
C ALA A 110 6.66 -5.91 28.65
N PRO A 111 6.83 -5.17 29.75
CA PRO A 111 8.20 -4.88 30.19
C PRO A 111 9.01 -6.11 30.51
N SER A 112 8.38 -7.16 31.06
CA SER A 112 9.12 -8.38 31.34
C SER A 112 9.53 -9.08 30.07
N GLY A 113 8.72 -8.98 29.01
CA GLY A 113 9.00 -9.66 27.77
C GLY A 113 8.20 -10.92 27.53
N ASN A 114 7.23 -11.22 28.39
CA ASN A 114 6.47 -12.45 28.27
C ASN A 114 5.27 -12.33 27.35
N TYR A 115 4.52 -11.23 27.42
CA TYR A 115 3.26 -11.12 26.70
C TYR A 115 3.31 -10.01 25.66
N VAL A 116 2.38 -10.07 24.71
CA VAL A 116 2.06 -8.95 23.84
C VAL A 116 0.57 -8.74 23.92
N ALA A 117 0.13 -7.56 23.49
CA ALA A 117 -1.28 -7.25 23.45
C ALA A 117 -1.62 -6.65 22.11
N CYS A 118 -2.88 -6.76 21.72
CA CYS A 118 -3.26 -6.31 20.39
C CYS A 118 -4.77 -6.19 20.31
N GLY A 119 -5.23 -4.99 19.98
CA GLY A 119 -6.66 -4.75 19.87
C GLY A 119 -6.95 -4.05 18.57
N GLY A 120 -8.22 -3.83 18.30
CA GLY A 120 -8.55 -3.20 17.04
C GLY A 120 -9.98 -2.76 16.89
N LEU A 121 -10.52 -2.98 15.70
CA LEU A 121 -11.85 -2.52 15.34
C LEU A 121 -12.94 -3.45 15.83
N ASP A 122 -12.62 -4.38 16.72
CA ASP A 122 -13.58 -5.35 17.23
C ASP A 122 -13.78 -5.24 18.73
N ASN A 123 -13.29 -4.17 19.35
CA ASN A 123 -13.54 -3.81 20.74
C ASN A 123 -12.92 -4.76 21.77
N ILE A 124 -12.01 -5.64 21.38
CA ILE A 124 -11.50 -6.67 22.27
C ILE A 124 -9.98 -6.58 22.31
N CYS A 125 -9.42 -6.52 23.51
CA CYS A 125 -7.98 -6.55 23.72
C CYS A 125 -7.57 -7.98 24.03
N SER A 126 -6.67 -8.53 23.21
CA SER A 126 -6.23 -9.91 23.36
C SER A 126 -4.81 -9.93 23.89
N ILE A 127 -4.55 -10.80 24.87
CA ILE A 127 -3.22 -10.94 25.45
C ILE A 127 -2.67 -12.30 25.06
N TYR A 128 -1.55 -12.29 24.35
CA TYR A 128 -0.92 -13.51 23.87
C TYR A 128 0.24 -13.87 24.78
N ASN A 129 0.43 -15.17 24.99
CA ASN A 129 1.50 -15.67 25.84
C ASN A 129 2.62 -16.18 24.95
N LEU A 130 3.83 -15.67 25.16
CA LEU A 130 4.95 -16.05 24.30
C LEU A 130 5.73 -17.22 24.89
N LYS A 131 6.28 -17.02 26.08
CA LYS A 131 7.10 -18.05 26.73
C LYS A 131 6.16 -19.11 27.30
N THR A 132 5.92 -20.16 26.54
CA THR A 132 5.00 -21.20 26.98
C THR A 132 5.58 -22.55 26.57
N ARG A 133 5.09 -23.60 27.24
CA ARG A 133 5.36 -24.93 26.73
C ARG A 133 4.57 -25.16 25.46
N GLU A 134 4.87 -26.27 24.78
CA GLU A 134 4.26 -26.68 23.53
C GLU A 134 4.63 -25.78 22.36
N GLY A 135 5.62 -24.91 22.50
CA GLY A 135 6.14 -24.18 21.36
C GLY A 135 5.45 -22.88 21.04
N ASN A 136 4.50 -22.92 20.12
CA ASN A 136 3.87 -21.73 19.57
C ASN A 136 3.14 -20.93 20.64
N VAL A 137 2.71 -19.73 20.26
CA VAL A 137 2.05 -18.81 21.17
C VAL A 137 0.56 -19.13 21.21
N ARG A 138 -0.08 -18.83 22.33
CA ARG A 138 -1.49 -19.09 22.50
C ARG A 138 -2.16 -17.87 23.13
N VAL A 139 -3.45 -17.72 22.89
CA VAL A 139 -4.21 -16.59 23.39
C VAL A 139 -4.48 -16.82 24.87
N SER A 140 -3.84 -16.02 25.72
CA SER A 140 -4.01 -16.19 27.15
C SER A 140 -5.39 -15.72 27.62
N ARG A 141 -5.88 -14.62 27.06
CA ARG A 141 -7.19 -14.11 27.46
C ARG A 141 -7.68 -13.11 26.43
N GLU A 142 -8.98 -12.86 26.45
CA GLU A 142 -9.61 -11.86 25.61
C GLU A 142 -10.45 -10.95 26.49
N LEU A 143 -9.98 -9.74 26.74
CA LEU A 143 -10.71 -8.78 27.54
C LEU A 143 -11.77 -8.11 26.71
N ALA A 144 -13.01 -8.10 27.20
CA ALA A 144 -14.12 -7.50 26.50
C ALA A 144 -14.92 -6.62 27.45
N GLY A 145 -15.59 -5.63 26.88
CA GLY A 145 -16.38 -4.73 27.68
C GLY A 145 -16.36 -3.28 27.22
N HIS A 146 -15.60 -3.00 26.17
CA HIS A 146 -15.66 -1.66 25.61
C HIS A 146 -16.81 -1.58 24.60
N THR A 147 -17.10 -0.35 24.15
CA THR A 147 -18.24 -0.14 23.22
C THR A 147 -17.77 0.56 21.94
N GLY A 148 -16.70 1.34 22.01
CA GLY A 148 -16.16 2.04 20.82
C GLY A 148 -15.24 1.14 20.03
N TYR A 149 -13.92 1.26 20.23
CA TYR A 149 -12.92 0.38 19.56
C TYR A 149 -11.56 0.71 20.19
N LEU A 150 -10.67 -0.28 20.34
CA LEU A 150 -9.39 -0.04 21.00
C LEU A 150 -8.52 0.86 20.12
N SER A 151 -7.94 1.86 20.75
CA SER A 151 -7.08 2.79 20.04
C SER A 151 -5.66 2.85 20.57
N CYS A 152 -5.40 2.35 21.77
CA CYS A 152 -4.07 2.26 22.34
C CYS A 152 -4.16 1.45 23.62
N CYS A 153 -3.09 0.73 23.94
CA CYS A 153 -3.08 -0.10 25.13
C CYS A 153 -1.64 -0.27 25.60
N ARG A 154 -1.43 -0.17 26.91
CA ARG A 154 -0.10 -0.22 27.48
C ARG A 154 -0.09 -1.13 28.68
N PHE A 155 1.07 -1.68 29.00
CA PHE A 155 1.25 -2.59 30.10
C PHE A 155 1.85 -1.87 31.31
N LEU A 156 1.42 -2.28 32.49
CA LEU A 156 2.04 -1.83 33.74
C LEU A 156 2.90 -2.90 34.38
N ASP A 157 2.32 -4.09 34.60
CA ASP A 157 3.02 -5.26 35.09
C ASP A 157 2.77 -6.37 34.10
N ASP A 158 3.12 -7.60 34.45
CA ASP A 158 2.59 -8.72 33.67
C ASP A 158 1.13 -8.97 33.97
N ASN A 159 0.49 -8.12 34.76
CA ASN A 159 -0.85 -8.40 35.26
C ASN A 159 -1.87 -7.29 35.02
N GLN A 160 -1.45 -6.04 34.88
CA GLN A 160 -2.40 -4.95 34.65
C GLN A 160 -2.10 -4.26 33.34
N ILE A 161 -3.15 -3.94 32.60
CA ILE A 161 -3.03 -3.29 31.31
C ILE A 161 -4.08 -2.20 31.24
N VAL A 162 -3.69 -1.04 30.72
CA VAL A 162 -4.57 0.12 30.64
C VAL A 162 -4.87 0.40 29.16
N THR A 163 -6.14 0.58 28.85
CA THR A 163 -6.58 0.74 27.47
C THR A 163 -7.37 2.02 27.34
N SER A 164 -7.46 2.51 26.10
CA SER A 164 -8.22 3.70 25.77
C SER A 164 -9.01 3.44 24.51
N SER A 165 -10.31 3.59 24.57
CA SER A 165 -11.18 3.18 23.48
C SER A 165 -11.85 4.38 22.84
N GLY A 166 -12.59 4.10 21.77
CA GLY A 166 -13.24 5.15 21.04
C GLY A 166 -14.56 5.61 21.59
N ASP A 167 -15.07 4.98 22.64
CA ASP A 167 -16.27 5.50 23.28
C ASP A 167 -15.95 6.44 24.44
N THR A 168 -15.01 7.35 24.23
CA THR A 168 -14.73 8.43 25.17
C THR A 168 -14.42 7.94 26.59
N THR A 169 -13.78 6.78 26.72
CA THR A 169 -13.42 6.27 28.04
C THR A 169 -12.07 5.57 27.99
N CYS A 170 -11.44 5.46 29.16
CA CYS A 170 -10.28 4.61 29.37
C CYS A 170 -10.61 3.63 30.47
N ALA A 171 -9.73 2.66 30.69
CA ALA A 171 -10.02 1.65 31.70
C ALA A 171 -8.73 0.98 32.15
N LEU A 172 -8.82 0.29 33.28
CA LEU A 172 -7.69 -0.44 33.85
C LEU A 172 -8.14 -1.85 34.19
N TRP A 173 -7.67 -2.83 33.44
CA TRP A 173 -8.12 -4.20 33.60
C TRP A 173 -7.27 -4.95 34.60
N ASP A 174 -7.72 -6.14 34.95
CA ASP A 174 -6.94 -7.12 35.68
C ASP A 174 -7.03 -8.41 34.90
N ILE A 175 -5.87 -9.01 34.60
CA ILE A 175 -5.85 -10.01 33.54
C ILE A 175 -6.47 -11.32 33.99
N GLU A 176 -5.97 -11.92 35.08
CA GLU A 176 -6.55 -13.22 35.47
C GLU A 176 -8.03 -13.09 35.79
N THR A 177 -8.42 -12.05 36.52
CA THR A 177 -9.84 -11.82 36.74
C THR A 177 -10.57 -11.58 35.43
N GLY A 178 -10.04 -10.70 34.59
CA GLY A 178 -10.67 -10.39 33.33
C GLY A 178 -11.75 -9.34 33.39
N GLN A 179 -11.67 -8.41 34.33
CA GLN A 179 -12.74 -7.44 34.52
C GLN A 179 -12.17 -6.05 34.74
N GLN A 180 -12.96 -5.04 34.37
CA GLN A 180 -12.58 -3.65 34.50
C GLN A 180 -12.47 -3.25 35.96
N THR A 181 -11.26 -3.00 36.44
CA THR A 181 -11.11 -2.56 37.82
C THR A 181 -11.52 -1.11 38.00
N THR A 182 -11.17 -0.24 37.06
CA THR A 182 -11.41 1.18 37.20
C THR A 182 -11.74 1.77 35.84
N THR A 183 -12.52 2.85 35.84
CA THR A 183 -12.93 3.50 34.60
C THR A 183 -12.77 5.01 34.74
N PHE A 184 -12.10 5.63 33.79
CA PHE A 184 -11.92 7.08 33.76
C PHE A 184 -12.80 7.66 32.67
N THR A 185 -13.79 8.45 33.07
CA THR A 185 -14.80 8.98 32.15
C THR A 185 -14.85 10.50 32.28
N GLY A 186 -14.05 11.21 31.50
CA GLY A 186 -14.14 12.65 31.53
C GLY A 186 -14.13 13.32 30.17
N HIS A 187 -13.76 12.58 29.13
CA HIS A 187 -13.65 13.19 27.81
C HIS A 187 -15.04 13.37 27.22
N THR A 188 -15.09 14.11 26.11
CA THR A 188 -16.33 14.27 25.36
C THR A 188 -16.19 13.87 23.90
N GLY A 189 -15.00 13.47 23.47
CA GLY A 189 -14.81 12.95 22.14
C GLY A 189 -14.04 11.65 22.17
N ASP A 190 -13.67 11.11 21.03
CA ASP A 190 -12.95 9.85 21.00
C ASP A 190 -11.60 10.03 21.69
N VAL A 191 -11.02 8.92 22.13
CA VAL A 191 -9.70 8.92 22.78
C VAL A 191 -8.72 8.24 21.84
N MET A 192 -7.65 8.96 21.49
CA MET A 192 -6.79 8.56 20.40
C MET A 192 -5.43 8.04 20.82
N SER A 193 -4.95 8.36 22.02
CA SER A 193 -3.61 7.92 22.39
C SER A 193 -3.50 7.90 23.90
N LEU A 194 -2.28 7.62 24.38
CA LEU A 194 -2.07 7.25 25.76
C LEU A 194 -0.57 7.21 26.02
N SER A 195 -0.18 7.54 27.24
CA SER A 195 1.24 7.49 27.59
C SER A 195 1.38 7.39 29.10
N LEU A 196 2.25 6.51 29.54
CA LEU A 196 2.45 6.27 30.97
C LEU A 196 3.67 7.03 31.45
N ALA A 197 3.58 7.58 32.65
CA ALA A 197 4.72 8.22 33.26
C ALA A 197 5.80 7.19 33.54
N PRO A 198 7.06 7.62 33.65
CA PRO A 198 8.13 6.64 33.87
C PRO A 198 7.92 5.78 35.10
N ASP A 199 7.37 6.34 36.17
CA ASP A 199 7.18 5.59 37.41
C ASP A 199 5.84 4.86 37.46
N THR A 200 5.05 4.92 36.39
CA THR A 200 3.79 4.18 36.28
C THR A 200 2.86 4.45 37.45
N ARG A 201 2.73 5.72 37.82
CA ARG A 201 1.79 6.12 38.84
C ARG A 201 0.67 7.01 38.33
N LEU A 202 0.80 7.52 37.11
CA LEU A 202 -0.22 8.39 36.53
C LEU A 202 0.09 8.57 35.06
N PHE A 203 -0.96 8.62 34.25
CA PHE A 203 -0.81 8.67 32.80
C PHE A 203 -1.65 9.78 32.22
N VAL A 204 -1.40 10.11 30.95
CA VAL A 204 -2.12 11.17 30.25
C VAL A 204 -2.73 10.59 28.99
N SER A 205 -3.80 11.22 28.53
CA SER A 205 -4.52 10.76 27.35
C SER A 205 -4.92 11.95 26.50
N GLY A 206 -5.04 11.72 25.20
CA GLY A 206 -5.35 12.79 24.27
C GLY A 206 -6.50 12.46 23.36
N ALA A 207 -7.50 13.32 23.29
CA ALA A 207 -8.78 13.00 22.69
C ALA A 207 -9.04 13.88 21.47
N CYS A 208 -10.22 13.72 20.90
CA CYS A 208 -10.66 14.55 19.78
C CYS A 208 -11.38 15.80 20.22
N ASP A 209 -11.11 16.27 21.42
CA ASP A 209 -11.62 17.53 21.92
C ASP A 209 -10.58 18.63 21.85
N ALA A 210 -9.44 18.37 21.23
CA ALA A 210 -8.29 19.25 21.32
C ALA A 210 -7.90 19.51 22.77
N SER A 211 -8.01 18.46 23.60
CA SER A 211 -7.72 18.58 25.02
C SER A 211 -7.07 17.30 25.50
N ALA A 212 -6.14 17.46 26.44
CA ALA A 212 -5.48 16.34 27.06
C ALA A 212 -5.73 16.41 28.56
N LYS A 213 -5.70 15.26 29.20
CA LYS A 213 -6.02 15.18 30.62
C LYS A 213 -4.95 14.36 31.32
N LEU A 214 -4.92 14.43 32.63
CA LEU A 214 -3.92 13.75 33.43
C LEU A 214 -4.60 13.02 34.58
N TRP A 215 -4.71 11.71 34.47
CA TRP A 215 -5.34 10.88 35.47
C TRP A 215 -4.30 10.40 36.48
N ASP A 216 -4.69 9.45 37.32
CA ASP A 216 -3.71 8.72 38.11
C ASP A 216 -4.30 7.37 38.48
N VAL A 217 -3.48 6.33 38.34
CA VAL A 217 -4.01 4.97 38.31
C VAL A 217 -4.59 4.56 39.65
N ARG A 218 -4.01 5.02 40.76
CA ARG A 218 -4.43 4.52 42.07
C ARG A 218 -5.84 4.97 42.41
N GLU A 219 -6.13 6.26 42.29
CA GLU A 219 -7.44 6.79 42.70
C GLU A 219 -8.48 6.66 41.60
N GLY A 220 -8.27 7.32 40.47
CA GLY A 220 -9.23 7.25 39.38
C GLY A 220 -9.88 8.57 39.05
N MET A 221 -9.19 9.68 39.30
CA MET A 221 -9.74 11.01 39.08
C MET A 221 -8.74 11.83 38.30
N CYS A 222 -9.23 12.62 37.35
CA CYS A 222 -8.35 13.49 36.58
C CYS A 222 -7.96 14.69 37.42
N ARG A 223 -6.72 15.14 37.27
CA ARG A 223 -6.18 16.20 38.11
C ARG A 223 -6.05 17.52 37.37
N GLN A 224 -5.64 17.51 36.10
CA GLN A 224 -5.46 18.74 35.34
C GLN A 224 -5.92 18.53 33.92
N THR A 225 -6.27 19.61 33.25
CA THR A 225 -6.71 19.57 31.86
C THR A 225 -6.01 20.66 31.07
N PHE A 226 -5.45 20.29 29.93
CA PHE A 226 -4.68 21.20 29.10
C PHE A 226 -5.37 21.39 27.77
N THR A 227 -5.68 22.63 27.42
CA THR A 227 -6.26 22.97 26.14
C THR A 227 -5.33 23.90 25.39
N GLY A 228 -5.60 24.09 24.10
CA GLY A 228 -4.75 24.95 23.32
C GLY A 228 -4.58 24.51 21.89
N HIS A 229 -5.10 23.34 21.54
CA HIS A 229 -5.06 22.89 20.16
C HIS A 229 -6.31 23.36 19.44
N GLU A 230 -6.18 23.56 18.13
CA GLU A 230 -7.31 24.00 17.33
C GLU A 230 -8.08 22.84 16.71
N SER A 231 -7.60 21.62 16.85
CA SER A 231 -8.28 20.48 16.23
C SER A 231 -7.91 19.22 17.00
N ASP A 232 -8.27 18.09 16.41
CA ASP A 232 -8.07 16.80 17.03
C ASP A 232 -6.59 16.54 17.27
N ILE A 233 -6.27 15.68 18.25
CA ILE A 233 -4.89 15.32 18.53
C ILE A 233 -4.72 13.81 18.49
N ASN A 234 -3.56 13.36 18.04
CA ASN A 234 -3.34 11.96 17.72
C ASN A 234 -2.15 11.30 18.41
N ALA A 235 -1.41 12.02 19.25
CA ALA A 235 -0.23 11.39 19.84
C ALA A 235 0.16 12.12 21.11
N ILE A 236 0.76 11.37 22.03
CA ILE A 236 1.23 11.88 23.32
C ILE A 236 2.57 11.24 23.61
N CYS A 237 3.40 11.92 24.41
CA CYS A 237 4.62 11.32 24.92
C CYS A 237 5.19 12.11 26.10
N PHE A 238 5.48 11.45 27.22
CA PHE A 238 6.11 12.12 28.35
C PHE A 238 7.55 12.53 28.06
N PHE A 239 7.90 13.72 28.52
CA PHE A 239 9.30 14.09 28.69
C PHE A 239 9.93 13.12 29.69
N PRO A 240 11.14 12.65 29.43
CA PRO A 240 11.69 11.58 30.28
C PRO A 240 11.79 11.95 31.76
N ASN A 241 11.92 13.24 32.09
CA ASN A 241 11.97 13.63 33.48
C ASN A 241 10.65 13.41 34.20
N GLY A 242 9.58 13.14 33.46
CA GLY A 242 8.28 12.98 34.09
C GLY A 242 7.60 14.27 34.48
N ASN A 243 7.95 15.38 33.83
CA ASN A 243 7.37 16.66 34.20
C ASN A 243 6.86 17.46 33.01
N ALA A 244 6.73 16.85 31.83
CA ALA A 244 6.22 17.55 30.67
C ALA A 244 5.85 16.51 29.64
N PHE A 245 4.99 16.89 28.70
CA PHE A 245 4.66 16.01 27.60
C PHE A 245 4.42 16.84 26.36
N ALA A 246 4.50 16.20 25.21
CA ALA A 246 4.29 16.85 23.94
C ALA A 246 3.20 16.12 23.19
N THR A 247 2.38 16.87 22.46
CA THR A 247 1.24 16.32 21.74
C THR A 247 1.36 16.63 20.26
N GLY A 248 0.65 15.87 19.45
CA GLY A 248 0.59 16.12 18.02
C GLY A 248 -0.85 16.17 17.57
N SER A 249 -1.16 17.13 16.70
CA SER A 249 -2.54 17.34 16.33
C SER A 249 -2.71 17.36 14.82
N ASP A 250 -3.89 17.72 14.35
CA ASP A 250 -4.14 17.84 12.92
C ASP A 250 -4.01 19.27 12.42
N ASP A 251 -3.36 20.13 13.19
CA ASP A 251 -2.97 21.44 12.69
C ASP A 251 -1.58 21.43 12.08
N ALA A 252 -0.89 20.29 12.11
CA ALA A 252 0.54 20.22 11.89
C ALA A 252 1.26 21.12 12.90
N THR A 253 1.05 20.82 14.17
CA THR A 253 1.60 21.66 15.24
C THR A 253 1.75 20.82 16.50
N CYS A 254 2.97 20.35 16.75
CA CYS A 254 3.28 19.82 18.06
C CYS A 254 3.33 20.96 19.06
N ARG A 255 3.25 20.62 20.35
CA ARG A 255 3.42 21.62 21.38
C ARG A 255 3.63 20.96 22.72
N LEU A 256 4.35 21.66 23.59
CA LEU A 256 4.89 21.10 24.83
C LEU A 256 4.20 21.75 26.02
N PHE A 257 3.62 20.93 26.89
CA PHE A 257 2.94 21.40 28.09
C PHE A 257 3.77 21.08 29.32
N ASP A 258 3.44 21.74 30.42
CA ASP A 258 4.17 21.56 31.68
C ASP A 258 3.22 21.19 32.80
N LEU A 259 3.56 20.15 33.55
CA LEU A 259 2.67 19.65 34.60
C LEU A 259 2.64 20.56 35.80
N ARG A 260 3.77 21.18 36.15
CA ARG A 260 3.80 21.96 37.38
C ARG A 260 3.34 23.39 37.15
N ALA A 261 3.87 24.05 36.12
CA ALA A 261 3.39 25.39 35.80
C ALA A 261 1.96 25.37 35.27
N ASP A 262 1.55 24.23 34.69
CA ASP A 262 0.16 23.97 34.30
C ASP A 262 -0.30 24.80 33.11
N GLN A 263 0.54 24.92 32.08
CA GLN A 263 0.07 25.55 30.85
C GLN A 263 1.05 25.27 29.71
N GLU A 264 0.62 25.60 28.50
CA GLU A 264 1.45 25.54 27.31
C GLU A 264 2.80 26.20 27.56
N LEU A 265 3.83 25.69 26.90
CA LEU A 265 5.16 26.17 27.19
C LEU A 265 5.92 26.56 25.92
N MET A 266 5.63 25.89 24.81
CA MET A 266 6.22 26.23 23.51
C MET A 266 5.40 25.54 22.44
N THR A 267 5.46 26.06 21.22
CA THR A 267 4.77 25.48 20.08
C THR A 267 5.74 25.27 18.92
N TYR A 268 5.57 24.16 18.21
CA TYR A 268 6.42 23.79 17.09
C TYR A 268 5.60 23.80 15.82
N SER A 269 6.01 24.61 14.85
CA SER A 269 5.28 24.73 13.59
C SER A 269 6.18 25.38 12.56
N HIS A 270 5.77 25.28 11.30
CA HIS A 270 6.47 25.97 10.24
C HIS A 270 5.48 26.25 9.12
N ASP A 271 5.76 27.30 8.34
CA ASP A 271 4.78 27.80 7.38
C ASP A 271 4.60 26.91 6.17
N ASN A 272 5.63 26.19 5.74
CA ASN A 272 5.50 25.29 4.60
C ASN A 272 5.12 23.88 5.02
N ILE A 273 4.43 23.74 6.15
CA ILE A 273 3.88 22.47 6.61
C ILE A 273 2.41 22.71 6.90
N ILE A 274 1.54 22.02 6.17
CA ILE A 274 0.10 22.12 6.34
C ILE A 274 -0.52 20.75 6.57
N CYS A 275 0.29 19.79 6.97
CA CYS A 275 -0.02 18.38 6.93
C CYS A 275 -0.65 17.97 8.26
N GLY A 276 -0.72 16.67 8.54
CA GLY A 276 -1.16 16.20 9.84
C GLY A 276 -0.09 15.39 10.54
N ILE A 277 -0.16 15.22 11.85
CA ILE A 277 0.86 14.53 12.63
C ILE A 277 0.29 13.26 13.21
N THR A 278 1.04 12.16 13.11
CA THR A 278 0.51 10.85 13.48
C THR A 278 1.24 10.20 14.64
N SER A 279 2.33 10.76 15.13
CA SER A 279 3.10 10.13 16.19
C SER A 279 4.16 11.10 16.67
N VAL A 280 4.55 10.97 17.94
CA VAL A 280 5.50 11.86 18.58
C VAL A 280 6.33 11.05 19.55
N SER A 281 7.61 11.39 19.68
CA SER A 281 8.46 10.70 20.64
C SER A 281 9.67 11.56 20.96
N PHE A 282 10.15 11.42 22.20
CA PHE A 282 11.29 12.16 22.70
C PHE A 282 12.55 11.31 22.64
N SER A 283 13.69 11.97 22.49
CA SER A 283 14.97 11.29 22.60
C SER A 283 15.30 11.00 24.06
N LYS A 284 16.36 10.22 24.27
CA LYS A 284 16.66 9.75 25.61
C LYS A 284 16.99 10.91 26.55
N SER A 285 17.76 11.88 26.09
CA SER A 285 18.09 13.02 26.92
C SER A 285 17.00 14.08 26.91
N GLY A 286 16.01 13.97 26.04
CA GLY A 286 14.97 14.96 25.95
C GLY A 286 15.33 16.19 25.16
N ARG A 287 16.50 16.23 24.53
CA ARG A 287 16.90 17.44 23.83
C ARG A 287 16.15 17.61 22.52
N LEU A 288 15.95 16.54 21.77
CA LEU A 288 15.39 16.67 20.45
C LEU A 288 14.17 15.78 20.29
N LEU A 289 13.14 16.34 19.68
CA LEU A 289 11.80 15.76 19.60
C LEU A 289 11.54 15.26 18.20
N LEU A 290 11.29 13.97 18.06
CA LEU A 290 10.88 13.40 16.79
C LEU A 290 9.41 13.66 16.57
N ALA A 291 8.96 13.50 15.32
CA ALA A 291 7.55 13.67 14.99
C ALA A 291 7.31 13.18 13.57
N GLY A 292 6.23 12.45 13.36
CA GLY A 292 5.94 11.82 12.07
C GLY A 292 4.70 12.42 11.42
N TYR A 293 4.85 12.79 10.15
CA TYR A 293 3.84 13.51 9.41
C TYR A 293 3.18 12.61 8.38
N ASP A 294 2.15 13.14 7.71
CA ASP A 294 1.59 12.50 6.54
C ASP A 294 2.28 12.93 5.26
N ASP A 295 3.21 13.89 5.34
CA ASP A 295 4.04 14.28 4.21
C ASP A 295 4.90 13.15 3.70
N PHE A 296 4.84 11.98 4.31
CA PHE A 296 5.62 10.79 4.08
C PHE A 296 6.97 10.85 4.77
N ASN A 297 7.28 11.90 5.54
CA ASN A 297 8.58 11.99 6.18
C ASN A 297 8.42 12.57 7.57
N CYS A 298 9.40 12.29 8.44
CA CYS A 298 9.37 12.74 9.82
C CYS A 298 10.48 13.74 10.07
N ASN A 299 10.16 14.79 10.80
CA ASN A 299 11.10 15.86 11.11
C ASN A 299 11.82 15.57 12.42
N VAL A 300 12.73 16.45 12.78
CA VAL A 300 13.48 16.35 14.03
C VAL A 300 13.57 17.75 14.60
N TRP A 301 12.75 18.05 15.60
CA TRP A 301 12.74 19.37 16.20
C TRP A 301 13.69 19.42 17.39
N ASP A 302 14.36 20.56 17.52
CA ASP A 302 15.18 20.82 18.70
C ASP A 302 14.27 21.29 19.82
N ALA A 303 14.09 20.47 20.83
CA ALA A 303 13.04 20.74 21.80
C ALA A 303 13.34 21.84 22.72
N LEU A 304 14.33 22.69 22.50
CA LEU A 304 14.57 23.81 23.40
C LEU A 304 14.66 25.15 22.67
N LYS A 305 14.63 25.15 21.34
CA LYS A 305 14.63 26.40 20.60
C LYS A 305 13.64 26.39 19.43
N ALA A 306 12.94 25.29 19.19
CA ALA A 306 11.84 25.18 18.26
C ALA A 306 12.23 25.27 16.79
N ASP A 307 13.51 25.16 16.45
CA ASP A 307 13.92 25.15 15.06
C ASP A 307 14.27 23.74 14.61
N ARG A 308 14.04 23.46 13.33
CA ARG A 308 14.28 22.13 12.82
C ARG A 308 15.75 21.77 12.92
N ALA A 309 16.03 20.48 12.80
CA ALA A 309 17.40 20.00 12.85
C ALA A 309 17.67 18.90 11.85
N GLY A 310 16.85 18.76 10.82
CA GLY A 310 17.05 17.72 9.83
C GLY A 310 15.76 17.03 9.49
N VAL A 311 15.79 16.08 8.56
CA VAL A 311 14.62 15.28 8.24
C VAL A 311 15.04 13.83 8.12
N LEU A 312 14.04 12.97 7.94
CA LEU A 312 14.25 11.54 7.74
C LEU A 312 13.28 11.12 6.63
N ALA A 313 13.73 11.21 5.40
CA ALA A 313 12.87 10.93 4.25
C ALA A 313 13.26 9.58 3.66
N GLY A 314 12.45 8.56 3.93
CA GLY A 314 12.71 7.26 3.33
C GLY A 314 11.48 6.46 3.00
N HIS A 315 10.30 7.03 3.16
CA HIS A 315 9.06 6.29 2.97
C HIS A 315 8.28 6.85 1.79
N ASP A 316 7.37 6.03 1.27
CA ASP A 316 6.54 6.41 0.13
C ASP A 316 5.07 6.50 0.49
N ASN A 317 4.76 6.57 1.78
CA ASN A 317 3.39 6.77 2.24
C ASN A 317 3.47 7.20 3.70
N ARG A 318 2.36 7.73 4.21
CA ARG A 318 2.40 8.42 5.49
C ARG A 318 2.89 7.50 6.59
N VAL A 319 3.70 8.03 7.50
CA VAL A 319 4.22 7.24 8.60
C VAL A 319 3.18 7.20 9.71
N SER A 320 2.97 6.02 10.27
CA SER A 320 1.90 5.82 11.22
C SER A 320 2.36 5.34 12.59
N CYS A 321 3.65 5.10 12.78
CA CYS A 321 4.15 4.68 14.09
C CYS A 321 5.60 5.09 14.20
N LEU A 322 6.07 5.25 15.42
CA LEU A 322 7.43 5.73 15.66
C LEU A 322 7.80 5.43 17.09
N GLY A 323 9.08 5.11 17.32
CA GLY A 323 9.51 4.77 18.66
C GLY A 323 11.02 4.87 18.79
N VAL A 324 11.46 5.03 20.03
CA VAL A 324 12.88 5.17 20.35
C VAL A 324 13.23 4.16 21.43
N THR A 325 14.34 3.45 21.25
CA THR A 325 14.72 2.40 22.16
C THR A 325 14.94 2.95 23.56
N ASP A 326 15.02 2.04 24.54
CA ASP A 326 15.18 2.47 25.92
C ASP A 326 16.55 3.05 26.17
N ASP A 327 17.59 2.51 25.53
CA ASP A 327 18.93 3.03 25.70
C ASP A 327 19.26 4.12 24.70
N GLY A 328 18.28 4.58 23.92
CA GLY A 328 18.46 5.73 23.07
C GLY A 328 19.45 5.54 21.95
N MET A 329 19.43 4.41 21.27
CA MET A 329 20.40 4.13 20.22
C MET A 329 19.81 4.16 18.82
N ALA A 330 18.49 4.01 18.67
CA ALA A 330 17.90 3.96 17.34
C ALA A 330 16.47 4.46 17.39
N VAL A 331 15.95 4.83 16.24
CA VAL A 331 14.54 5.12 16.06
C VAL A 331 14.01 4.21 14.97
N ALA A 332 12.78 3.76 15.13
CA ALA A 332 12.16 2.87 14.16
C ALA A 332 10.85 3.50 13.72
N THR A 333 10.66 3.61 12.41
CA THR A 333 9.44 4.18 11.86
C THR A 333 8.81 3.17 10.95
N GLY A 334 7.49 3.08 10.99
CA GLY A 334 6.77 2.21 10.10
C GLY A 334 5.74 3.01 9.34
N SER A 335 5.22 2.51 8.23
CA SER A 335 4.36 3.34 7.42
C SER A 335 3.45 2.48 6.58
N TRP A 336 2.45 3.11 5.99
CA TRP A 336 1.49 2.42 5.14
C TRP A 336 2.20 1.89 3.90
N ASP A 337 3.48 2.21 3.78
CA ASP A 337 4.32 1.62 2.74
C ASP A 337 4.41 0.11 2.89
N SER A 338 4.15 -0.41 4.09
CA SER A 338 4.29 -1.79 4.53
C SER A 338 5.72 -2.17 4.87
N PHE A 339 6.62 -1.18 5.02
CA PHE A 339 8.03 -1.47 5.41
C PHE A 339 8.39 -0.72 6.70
N LEU A 340 9.45 -1.17 7.39
CA LEU A 340 9.87 -0.54 8.67
C LEU A 340 11.37 -0.21 8.60
N LYS A 341 11.75 1.03 8.90
CA LYS A 341 13.18 1.45 8.79
C LYS A 341 13.75 1.76 10.18
N ILE A 342 15.02 1.38 10.41
CA ILE A 342 15.67 1.60 11.70
C ILE A 342 16.80 2.59 11.48
N TRP A 343 16.52 3.87 11.72
CA TRP A 343 17.50 4.91 11.53
C TRP A 343 18.47 4.96 12.70
N ASN A 344 19.57 5.66 12.51
CA ASN A 344 20.58 5.81 13.55
C ASN A 344 21.58 6.89 13.18
N ILE B 9 -28.78 17.31 33.22
CA ILE B 9 -28.91 18.16 34.40
C ILE B 9 -28.01 17.68 35.52
N ALA B 10 -27.71 16.39 35.55
CA ALA B 10 -26.76 15.84 36.50
C ALA B 10 -25.32 16.17 36.16
N GLN B 11 -25.00 16.27 34.86
CA GLN B 11 -23.64 16.59 34.44
C GLN B 11 -23.19 17.95 34.98
N ALA B 12 -24.13 18.89 35.13
CA ALA B 12 -23.76 20.19 35.66
C ALA B 12 -23.26 20.08 37.09
N ARG B 13 -23.89 19.24 37.90
CA ARG B 13 -23.39 19.00 39.25
C ARG B 13 -22.02 18.32 39.23
N LYS B 14 -21.86 17.35 38.34
CA LYS B 14 -20.57 16.67 38.22
C LYS B 14 -19.50 17.60 37.68
N LEU B 15 -19.83 18.37 36.64
CA LEU B 15 -18.83 19.21 36.00
C LEU B 15 -18.32 20.29 36.94
N VAL B 16 -19.20 20.94 37.68
CA VAL B 16 -18.76 22.01 38.57
C VAL B 16 -17.91 21.43 39.70
N GLU B 17 -18.22 20.22 40.16
CA GLU B 17 -17.38 19.60 41.17
C GLU B 17 -15.98 19.38 40.65
N GLN B 18 -15.85 19.04 39.37
CA GLN B 18 -14.52 18.87 38.78
C GLN B 18 -13.74 20.18 38.76
N LEU B 19 -14.34 21.26 38.24
CA LEU B 19 -13.60 22.50 38.10
C LEU B 19 -13.20 23.05 39.45
N LYS B 20 -13.98 22.75 40.49
CA LYS B 20 -13.60 23.16 41.84
C LYS B 20 -12.31 22.49 42.26
N MET B 21 -12.20 21.18 42.01
CA MET B 21 -11.02 20.43 42.44
C MET B 21 -9.78 20.83 41.66
N GLU B 22 -9.94 21.17 40.39
CA GLU B 22 -8.80 21.46 39.54
C GLU B 22 -8.29 22.89 39.69
N ALA B 23 -9.08 23.77 40.31
CA ALA B 23 -8.69 25.16 40.43
C ALA B 23 -7.86 25.46 41.67
N ASN B 24 -7.64 24.47 42.53
CA ASN B 24 -6.84 24.65 43.74
C ASN B 24 -5.62 23.75 43.63
N ILE B 25 -4.59 24.24 42.95
CA ILE B 25 -3.31 23.55 42.82
C ILE B 25 -2.21 24.58 42.96
N ASP B 26 -1.16 24.22 43.68
CA ASP B 26 -0.03 25.13 43.86
C ASP B 26 0.77 25.19 42.58
N ARG B 27 0.55 26.23 41.78
CA ARG B 27 1.39 26.45 40.62
C ARG B 27 2.77 26.93 41.04
N ILE B 28 3.70 26.94 40.09
CA ILE B 28 5.01 27.54 40.27
C ILE B 28 5.30 28.42 39.07
N LYS B 29 6.13 29.44 39.29
CA LYS B 29 6.43 30.36 38.20
C LYS B 29 7.20 29.65 37.10
N VAL B 30 6.88 29.99 35.86
CA VAL B 30 7.34 29.16 34.75
C VAL B 30 8.85 29.20 34.62
N SER B 31 9.48 30.34 34.91
CA SER B 31 10.93 30.41 34.85
C SER B 31 11.57 29.35 35.75
N LYS B 32 10.98 29.10 36.91
CA LYS B 32 11.44 28.00 37.75
C LYS B 32 11.19 26.65 37.09
N ALA B 33 10.05 26.49 36.42
CA ALA B 33 9.72 25.25 35.75
C ALA B 33 10.37 25.13 34.38
N ALA B 34 11.02 26.17 33.90
CA ALA B 34 11.75 26.10 32.64
C ALA B 34 13.23 25.87 32.83
N ALA B 35 13.80 26.31 33.95
CA ALA B 35 15.19 26.00 34.25
C ALA B 35 15.40 24.51 34.47
N ASP B 36 14.44 23.86 35.14
CA ASP B 36 14.58 22.43 35.39
C ASP B 36 14.59 21.64 34.09
N LEU B 37 13.79 22.05 33.12
CA LEU B 37 13.88 21.43 31.81
C LEU B 37 15.23 21.70 31.17
N MET B 38 15.81 22.86 31.45
CA MET B 38 17.12 23.19 30.90
C MET B 38 18.22 22.40 31.59
N ALA B 39 18.18 22.31 32.91
CA ALA B 39 19.26 21.66 33.64
C ALA B 39 19.31 20.17 33.34
N TYR B 40 18.17 19.49 33.41
CA TYR B 40 18.14 18.07 33.12
C TYR B 40 18.59 17.80 31.69
N CYS B 41 18.16 18.63 30.77
CA CYS B 41 18.45 18.39 29.36
C CYS B 41 19.94 18.48 29.05
N GLU B 42 20.73 19.13 29.90
CA GLU B 42 22.15 19.24 29.63
C GLU B 42 22.99 18.42 30.60
N ALA B 43 22.41 17.97 31.71
CA ALA B 43 23.09 17.04 32.59
C ALA B 43 22.99 15.61 32.11
N HIS B 44 22.54 15.40 30.87
CA HIS B 44 22.51 14.08 30.27
C HIS B 44 22.98 14.10 28.83
N ALA B 45 23.45 15.25 28.34
CA ALA B 45 23.81 15.36 26.93
C ALA B 45 24.92 14.41 26.52
N LYS B 46 25.73 13.95 27.47
CA LYS B 46 26.85 13.09 27.12
C LYS B 46 26.36 11.74 26.61
N GLU B 47 25.43 11.13 27.33
CA GLU B 47 24.97 9.78 27.02
C GLU B 47 23.65 9.77 26.25
N ASP B 48 23.65 10.45 25.09
CA ASP B 48 22.51 10.44 24.17
C ASP B 48 23.02 10.15 22.78
N PRO B 49 23.04 8.88 22.39
CA PRO B 49 23.70 8.51 21.13
C PRO B 49 23.10 9.14 19.89
N LEU B 50 21.84 9.57 19.92
CA LEU B 50 21.28 10.20 18.73
C LEU B 50 21.84 11.60 18.52
N LEU B 51 22.16 12.30 19.61
CA LEU B 51 22.61 13.67 19.51
C LEU B 51 24.10 13.75 19.18
N THR B 52 24.93 13.14 20.01
CA THR B 52 26.36 13.04 19.72
C THR B 52 26.62 11.76 18.96
N PRO B 53 27.14 11.82 17.73
CA PRO B 53 27.38 10.59 16.97
C PRO B 53 28.29 9.64 17.74
N VAL B 54 28.00 8.35 17.62
CA VAL B 54 28.67 7.32 18.40
C VAL B 54 29.80 6.73 17.56
N PRO B 55 30.96 6.45 18.16
CA PRO B 55 32.03 5.81 17.39
C PRO B 55 31.58 4.46 16.84
N ALA B 56 32.02 4.15 15.63
CA ALA B 56 31.50 2.97 14.93
C ALA B 56 31.81 1.68 15.66
N SER B 57 32.76 1.69 16.59
CA SER B 57 33.02 0.49 17.38
C SER B 57 31.89 0.17 18.34
N GLU B 58 31.21 1.19 18.86
CA GLU B 58 30.18 0.99 19.88
C GLU B 58 28.78 1.07 19.29
N ASN B 59 28.64 1.09 17.97
CA ASN B 59 27.35 1.24 17.32
C ASN B 59 26.85 -0.13 16.86
N PRO B 60 25.94 -0.76 17.60
CA PRO B 60 25.51 -2.11 17.24
C PRO B 60 24.79 -2.20 15.90
N PHE B 61 24.25 -1.11 15.40
CA PHE B 61 23.58 -1.14 14.10
C PHE B 61 24.55 -0.79 12.98
N MET C 63 33.63 3.44 -51.59
CA MET C 63 32.61 2.40 -51.70
C MET C 63 31.30 2.86 -51.08
N VAL C 64 30.35 3.23 -51.93
CA VAL C 64 29.06 3.69 -51.43
C VAL C 64 28.35 2.59 -50.65
N THR C 65 28.39 1.36 -51.18
CA THR C 65 27.74 0.25 -50.50
C THR C 65 28.35 0.00 -49.13
N ALA C 66 29.68 -0.02 -49.06
CA ALA C 66 30.35 -0.26 -47.78
C ALA C 66 30.07 0.86 -46.79
N ILE C 67 29.85 2.08 -47.29
CA ILE C 67 29.48 3.18 -46.41
C ILE C 67 28.12 2.92 -45.77
N THR C 68 27.15 2.50 -46.58
CA THR C 68 25.79 2.31 -46.07
C THR C 68 25.73 1.09 -45.16
N ILE C 69 26.29 -0.03 -45.60
CA ILE C 69 26.18 -1.28 -44.84
C ILE C 69 26.81 -1.12 -43.46
N MET C 70 27.99 -0.52 -43.40
CA MET C 70 28.60 -0.24 -42.11
C MET C 70 27.76 0.72 -41.29
N ALA C 71 27.18 1.73 -41.94
CA ALA C 71 26.40 2.72 -41.23
C ALA C 71 25.12 2.11 -40.64
N LEU C 72 24.42 1.30 -41.43
CA LEU C 72 23.11 0.81 -41.02
C LEU C 72 23.19 -0.03 -39.76
N TYR C 73 24.17 -0.94 -39.70
CA TYR C 73 24.33 -1.75 -38.50
C TYR C 73 24.73 -0.90 -37.30
N SER C 74 25.59 0.08 -37.52
CA SER C 74 26.01 0.95 -36.42
C SER C 74 24.83 1.68 -35.79
N ILE C 75 23.92 2.19 -36.63
CA ILE C 75 22.76 2.90 -36.12
C ILE C 75 21.91 1.99 -35.25
N VAL C 76 21.69 0.75 -35.72
CA VAL C 76 20.85 -0.18 -34.97
C VAL C 76 21.50 -0.51 -33.63
N CYS C 77 22.81 -0.77 -33.63
CA CYS C 77 23.48 -1.23 -32.42
C CYS C 77 23.48 -0.16 -31.34
N VAL C 78 23.71 1.10 -31.72
CA VAL C 78 23.84 2.14 -30.73
C VAL C 78 22.50 2.42 -30.06
N VAL C 79 21.42 2.46 -30.83
CA VAL C 79 20.11 2.73 -30.23
C VAL C 79 19.66 1.55 -29.38
N GLY C 80 19.98 0.33 -29.82
CA GLY C 80 19.55 -0.85 -29.07
C GLY C 80 20.16 -0.92 -27.69
N LEU C 81 21.47 -0.71 -27.60
CA LEU C 81 22.13 -0.73 -26.30
C LEU C 81 21.64 0.43 -25.42
N PHE C 82 21.46 1.61 -26.04
CA PHE C 82 21.09 2.78 -25.26
C PHE C 82 19.72 2.61 -24.62
N GLY C 83 18.71 2.27 -25.44
CA GLY C 83 17.36 2.17 -24.92
C GLY C 83 17.19 1.04 -23.93
N ASN C 84 17.74 -0.13 -24.26
CA ASN C 84 17.49 -1.31 -23.44
C ASN C 84 18.16 -1.21 -22.07
N PHE C 85 19.43 -0.79 -22.04
CA PHE C 85 20.12 -0.70 -20.76
C PHE C 85 19.52 0.38 -19.88
N LEU C 86 18.93 1.41 -20.50
CA LEU C 86 18.17 2.39 -19.72
C LEU C 86 16.96 1.74 -19.07
N VAL C 87 16.28 0.84 -19.79
CA VAL C 87 15.05 0.26 -19.29
C VAL C 87 15.32 -0.60 -18.07
N MET C 88 16.35 -1.45 -18.13
CA MET C 88 16.67 -2.27 -16.97
C MET C 88 17.07 -1.40 -15.78
N TYR C 89 17.65 -0.23 -16.04
CA TYR C 89 18.02 0.67 -14.96
C TYR C 89 16.78 1.20 -14.24
N VAL C 90 15.83 1.73 -15.01
CA VAL C 90 14.64 2.31 -14.40
C VAL C 90 13.79 1.24 -13.74
N ILE C 91 13.72 0.06 -14.35
CA ILE C 91 12.80 -0.96 -13.87
C ILE C 91 13.25 -1.49 -12.52
N VAL C 92 14.53 -1.41 -12.20
CA VAL C 92 15.02 -1.97 -10.96
C VAL C 92 15.37 -0.90 -9.94
N ARG C 93 15.72 0.31 -10.38
CA ARG C 93 16.05 1.37 -9.42
C ARG C 93 14.82 1.83 -8.67
N TYR C 94 13.70 2.01 -9.38
CA TYR C 94 12.51 2.60 -8.77
C TYR C 94 11.43 1.56 -8.49
N THR C 95 11.02 0.81 -9.52
CA THR C 95 9.86 -0.07 -9.38
C THR C 95 10.18 -1.35 -8.62
N LYS C 96 11.38 -1.90 -8.80
CA LYS C 96 11.88 -3.03 -8.03
C LYS C 96 11.06 -4.31 -8.21
N MET C 97 10.36 -4.43 -9.35
CA MET C 97 9.78 -5.71 -9.79
C MET C 97 8.67 -6.20 -8.85
N LYS C 98 7.72 -5.33 -8.57
CA LYS C 98 6.66 -5.70 -7.63
C LYS C 98 5.63 -6.64 -8.25
N THR C 99 5.23 -6.43 -9.50
CA THR C 99 4.11 -7.13 -10.09
C THR C 99 4.56 -7.98 -11.27
N ALA C 100 3.63 -8.80 -11.77
CA ALA C 100 3.98 -9.80 -12.77
C ALA C 100 4.43 -9.17 -14.08
N THR C 101 3.75 -8.11 -14.52
CA THR C 101 4.11 -7.51 -15.80
C THR C 101 5.53 -6.98 -15.79
N ASN C 102 5.94 -6.32 -14.70
CA ASN C 102 7.26 -5.72 -14.65
C ASN C 102 8.35 -6.79 -14.76
N ILE C 103 8.08 -8.00 -14.31
CA ILE C 103 9.02 -9.10 -14.54
C ILE C 103 9.18 -9.34 -16.03
N TYR C 104 8.07 -9.38 -16.76
CA TYR C 104 8.11 -9.71 -18.17
C TYR C 104 8.89 -8.67 -18.97
N ILE C 105 8.63 -7.39 -18.70
CA ILE C 105 9.31 -6.32 -19.43
C ILE C 105 10.81 -6.42 -19.24
N PHE C 106 11.24 -6.78 -18.03
CA PHE C 106 12.67 -6.90 -17.77
C PHE C 106 13.32 -7.96 -18.65
N ASN C 107 12.73 -9.15 -18.71
CA ASN C 107 13.34 -10.22 -19.49
C ASN C 107 13.35 -9.91 -20.96
N LEU C 108 12.32 -9.24 -21.46
CA LEU C 108 12.37 -8.76 -22.83
C LEU C 108 13.48 -7.75 -23.02
N ALA C 109 13.65 -6.84 -22.06
CA ALA C 109 14.74 -5.87 -22.13
C ALA C 109 16.09 -6.56 -22.09
N LEU C 110 16.22 -7.57 -21.24
CA LEU C 110 17.50 -8.28 -21.13
C LEU C 110 17.83 -9.01 -22.42
N ALA C 111 16.90 -9.83 -22.93
CA ALA C 111 17.20 -10.64 -24.10
C ALA C 111 17.32 -9.77 -25.35
N ASP C 112 16.79 -8.55 -25.30
CA ASP C 112 17.01 -7.62 -26.39
C ASP C 112 18.40 -7.00 -26.33
N ALA C 113 18.88 -6.70 -25.13
CA ALA C 113 20.21 -6.14 -24.99
C ALA C 113 21.27 -7.11 -25.46
N LEU C 114 21.15 -8.38 -25.07
CA LEU C 114 22.15 -9.37 -25.46
C LEU C 114 22.19 -9.56 -26.97
N ALA C 115 21.02 -9.74 -27.58
CA ALA C 115 20.99 -9.97 -29.02
C ALA C 115 21.50 -8.77 -29.80
N THR C 116 21.42 -7.59 -29.20
CA THR C 116 21.96 -6.41 -29.88
C THR C 116 23.48 -6.34 -29.77
N SER C 117 24.05 -6.83 -28.66
CA SER C 117 25.49 -6.75 -28.47
C SER C 117 26.26 -7.71 -29.36
N THR C 118 25.60 -8.73 -29.90
CA THR C 118 26.23 -9.62 -30.86
C THR C 118 26.50 -8.92 -32.19
N LEU C 119 25.76 -7.87 -32.49
CA LEU C 119 25.84 -7.24 -33.80
C LEU C 119 27.24 -6.75 -34.17
N PRO C 120 27.98 -6.03 -33.32
CA PRO C 120 29.26 -5.48 -33.79
C PRO C 120 30.23 -6.52 -34.31
N PHE C 121 30.24 -7.72 -33.75
CA PHE C 121 31.09 -8.77 -34.30
C PHE C 121 30.70 -9.09 -35.74
N GLN C 122 29.42 -8.95 -36.07
CA GLN C 122 28.99 -9.15 -37.44
C GLN C 122 29.38 -7.96 -38.31
N SER C 123 29.57 -6.80 -37.70
CA SER C 123 29.95 -5.61 -38.47
C SER C 123 31.37 -5.75 -39.01
N VAL C 124 32.31 -6.15 -38.15
CA VAL C 124 33.70 -6.28 -38.58
C VAL C 124 33.86 -7.42 -39.56
N ASN C 125 33.03 -8.46 -39.45
CA ASN C 125 33.12 -9.58 -40.37
C ASN C 125 32.81 -9.15 -41.79
N TYR C 126 31.85 -8.23 -41.96
CA TYR C 126 31.54 -7.73 -43.28
C TYR C 126 32.72 -7.00 -43.90
N LEU C 127 33.38 -6.15 -43.10
CA LEU C 127 34.45 -5.31 -43.64
C LEU C 127 35.65 -6.14 -44.08
N MET C 128 36.14 -7.01 -43.20
CA MET C 128 37.34 -7.77 -43.50
C MET C 128 37.06 -9.04 -44.28
N GLY C 129 35.86 -9.60 -44.18
CA GLY C 129 35.62 -10.90 -44.77
C GLY C 129 36.37 -12.02 -44.11
N THR C 130 36.90 -11.79 -42.91
CA THR C 130 37.69 -12.78 -42.20
C THR C 130 37.22 -12.79 -40.76
N TRP C 131 37.30 -13.95 -40.11
CA TRP C 131 36.89 -14.07 -38.72
C TRP C 131 38.12 -13.97 -37.82
N PRO C 132 38.45 -12.79 -37.29
CA PRO C 132 39.70 -12.64 -36.53
C PRO C 132 39.66 -13.20 -35.13
N PHE C 133 38.48 -13.49 -34.58
CA PHE C 133 38.33 -13.76 -33.16
C PHE C 133 38.60 -15.21 -32.79
N GLY C 134 38.82 -16.09 -33.76
CA GLY C 134 39.24 -17.44 -33.49
C GLY C 134 38.10 -18.34 -33.03
N ASN C 135 38.43 -19.63 -32.88
CA ASN C 135 37.45 -20.63 -32.50
C ASN C 135 36.92 -20.39 -31.10
N ILE C 136 37.64 -19.61 -30.29
CA ILE C 136 37.21 -19.35 -28.93
C ILE C 136 35.91 -18.56 -28.90
N LEU C 137 35.79 -17.57 -29.80
CA LEU C 137 34.66 -16.65 -29.75
C LEU C 137 33.57 -17.03 -30.74
N CYS C 138 33.93 -17.73 -31.81
CA CYS C 138 32.96 -18.03 -32.86
C CYS C 138 31.78 -18.81 -32.30
N LYS C 139 32.05 -19.85 -31.51
CA LYS C 139 30.98 -20.69 -31.01
C LYS C 139 30.12 -19.95 -29.99
N ILE C 140 30.69 -18.96 -29.30
CA ILE C 140 29.94 -18.27 -28.26
C ILE C 140 29.19 -17.09 -28.84
N VAL C 141 29.47 -16.72 -30.09
CA VAL C 141 28.75 -15.62 -30.71
C VAL C 141 27.53 -16.14 -31.45
N ILE C 142 27.72 -17.14 -32.31
CA ILE C 142 26.60 -17.67 -33.08
C ILE C 142 25.55 -18.28 -32.16
N SER C 143 25.99 -19.01 -31.14
CA SER C 143 25.03 -19.66 -30.25
C SER C 143 24.18 -18.64 -29.50
N ILE C 144 24.79 -17.53 -29.08
CA ILE C 144 24.02 -16.54 -28.34
C ILE C 144 23.16 -15.72 -29.29
N ASP C 145 23.32 -15.91 -30.59
CA ASP C 145 22.46 -15.22 -31.54
C ASP C 145 21.21 -16.02 -31.85
N TYR C 146 21.36 -17.33 -32.08
CA TYR C 146 20.20 -18.19 -32.24
C TYR C 146 19.42 -18.33 -30.94
N TYR C 147 20.11 -18.31 -29.81
CA TYR C 147 19.43 -18.45 -28.53
C TYR C 147 18.49 -17.28 -28.27
N ASN C 148 18.94 -16.07 -28.56
CA ASN C 148 18.17 -14.90 -28.17
C ASN C 148 16.99 -14.67 -29.09
N MET C 149 17.03 -15.22 -30.30
CA MET C 149 15.87 -15.12 -31.18
C MET C 149 14.65 -15.78 -30.55
N PHE C 150 14.83 -16.99 -30.01
CA PHE C 150 13.69 -17.73 -29.48
C PHE C 150 13.25 -17.17 -28.14
N THR C 151 14.20 -16.82 -27.27
CA THR C 151 13.84 -16.41 -25.92
C THR C 151 13.36 -14.97 -25.89
N SER C 152 13.52 -14.23 -26.98
CA SER C 152 12.90 -12.93 -27.09
C SER C 152 11.49 -13.04 -27.63
N ILE C 153 11.29 -13.92 -28.61
CA ILE C 153 9.97 -14.12 -29.18
C ILE C 153 9.02 -14.71 -28.15
N PHE C 154 9.49 -15.72 -27.41
CA PHE C 154 8.59 -16.43 -26.52
C PHE C 154 8.10 -15.55 -25.38
N THR C 155 8.89 -14.56 -24.96
CA THR C 155 8.40 -13.61 -23.98
C THR C 155 7.22 -12.82 -24.55
N LEU C 156 7.31 -12.42 -25.82
CA LEU C 156 6.18 -11.74 -26.45
C LEU C 156 4.95 -12.62 -26.44
N CYS C 157 5.11 -13.90 -26.75
CA CYS C 157 3.96 -14.79 -26.74
C CYS C 157 3.41 -15.00 -25.34
N THR C 158 4.26 -14.93 -24.32
CA THR C 158 3.77 -15.12 -22.95
C THR C 158 3.05 -13.89 -22.45
N MET C 159 3.52 -12.70 -22.81
CA MET C 159 2.81 -11.49 -22.42
C MET C 159 1.41 -11.47 -23.01
N SER C 160 1.25 -11.94 -24.24
CA SER C 160 -0.06 -11.91 -24.87
C SER C 160 -1.00 -12.94 -24.25
N VAL C 161 -0.53 -14.16 -24.04
CA VAL C 161 -1.36 -15.18 -23.42
C VAL C 161 -1.74 -14.76 -22.01
N ASP C 162 -0.86 -14.00 -21.35
CA ASP C 162 -1.19 -13.50 -20.02
C ASP C 162 -2.29 -12.46 -20.08
N ARG C 163 -2.19 -11.52 -21.02
CA ARG C 163 -3.18 -10.46 -21.10
C ARG C 163 -4.56 -11.01 -21.47
N TYR C 164 -4.59 -12.02 -22.34
CA TYR C 164 -5.88 -12.59 -22.73
C TYR C 164 -6.57 -13.27 -21.55
N ILE C 165 -5.81 -13.96 -20.71
CA ILE C 165 -6.40 -14.59 -19.53
C ILE C 165 -7.02 -13.53 -18.62
N ALA C 166 -6.32 -12.42 -18.44
CA ALA C 166 -6.73 -11.44 -17.45
C ALA C 166 -7.96 -10.66 -17.87
N VAL C 167 -8.41 -10.82 -19.11
CA VAL C 167 -9.55 -10.07 -19.61
C VAL C 167 -10.70 -10.99 -20.00
N CYS C 168 -10.42 -12.14 -20.61
CA CYS C 168 -11.48 -13.01 -21.07
C CYS C 168 -11.84 -14.10 -20.07
N HIS C 169 -11.00 -14.36 -19.07
CA HIS C 169 -11.29 -15.31 -18.00
C HIS C 169 -10.95 -14.67 -16.66
N PRO C 170 -11.71 -13.66 -16.25
CA PRO C 170 -11.32 -12.90 -15.06
C PRO C 170 -11.30 -13.71 -13.78
N VAL C 171 -12.16 -14.70 -13.65
CA VAL C 171 -12.31 -15.40 -12.38
C VAL C 171 -11.26 -16.50 -12.21
N LYS C 172 -10.90 -17.19 -13.30
CA LYS C 172 -9.83 -18.18 -13.20
C LYS C 172 -8.46 -17.55 -13.17
N ALA C 173 -8.34 -16.29 -13.58
CA ALA C 173 -7.05 -15.61 -13.53
C ALA C 173 -6.64 -15.27 -12.11
N LEU C 174 -7.53 -15.46 -11.14
CA LEU C 174 -7.17 -15.24 -9.75
C LEU C 174 -6.21 -16.30 -9.23
N ASP C 175 -5.97 -17.36 -10.00
CA ASP C 175 -5.05 -18.41 -9.61
C ASP C 175 -3.81 -18.48 -10.49
N PHE C 176 -3.96 -18.39 -11.80
CA PHE C 176 -2.80 -18.45 -12.68
C PHE C 176 -1.86 -17.28 -12.44
N ARG C 177 -2.41 -16.10 -12.26
CA ARG C 177 -1.60 -14.87 -12.22
C ARG C 177 -1.20 -14.57 -10.78
N THR C 178 0.02 -14.98 -10.42
CA THR C 178 0.63 -14.63 -9.15
C THR C 178 2.08 -14.30 -9.43
N PRO C 179 2.66 -13.32 -8.73
CA PRO C 179 4.04 -12.91 -9.04
C PRO C 179 5.06 -14.02 -8.84
N ARG C 180 4.70 -15.09 -8.13
CA ARG C 180 5.58 -16.25 -8.10
C ARG C 180 5.49 -17.03 -9.41
N ASN C 181 4.29 -17.22 -9.94
CA ASN C 181 4.13 -17.97 -11.17
C ASN C 181 4.79 -17.27 -12.35
N ALA C 182 4.84 -15.94 -12.32
CA ALA C 182 5.57 -15.23 -13.37
C ALA C 182 7.04 -15.60 -13.34
N LYS C 183 7.59 -15.85 -12.14
CA LYS C 183 8.99 -16.23 -12.03
C LYS C 183 9.23 -17.63 -12.57
N ILE C 184 8.27 -18.54 -12.37
CA ILE C 184 8.43 -19.89 -12.89
C ILE C 184 8.43 -19.88 -14.41
N VAL C 185 7.50 -19.15 -15.01
CA VAL C 185 7.35 -19.18 -16.47
C VAL C 185 8.60 -18.61 -17.14
N ASN C 186 9.12 -17.50 -16.62
CA ASN C 186 10.31 -16.93 -17.23
C ASN C 186 11.50 -17.88 -17.15
N VAL C 187 11.67 -18.55 -16.01
CA VAL C 187 12.73 -19.55 -15.91
C VAL C 187 12.46 -20.70 -16.87
N CYS C 188 11.22 -21.19 -16.87
CA CYS C 188 10.87 -22.28 -17.79
C CYS C 188 10.95 -21.83 -19.23
N ASN C 189 10.91 -20.52 -19.48
CA ASN C 189 11.06 -20.02 -20.83
C ASN C 189 12.51 -20.10 -21.31
N TRP C 190 13.46 -19.72 -20.44
CA TRP C 190 14.86 -19.80 -20.82
C TRP C 190 15.30 -21.24 -20.98
N ILE C 191 14.72 -22.15 -20.20
CA ILE C 191 15.08 -23.56 -20.31
C ILE C 191 14.73 -24.08 -21.69
N LEU C 192 13.50 -23.84 -22.14
CA LEU C 192 13.03 -24.42 -23.38
C LEU C 192 13.74 -23.81 -24.58
N SER C 193 14.22 -22.57 -24.46
CA SER C 193 15.01 -21.98 -25.54
C SER C 193 16.31 -22.73 -25.76
N SER C 194 16.86 -23.33 -24.70
CA SER C 194 18.15 -23.99 -24.81
C SER C 194 18.10 -25.23 -25.70
N ALA C 195 16.90 -25.71 -26.03
CA ALA C 195 16.81 -26.85 -26.93
C ALA C 195 17.40 -26.55 -28.30
N ILE C 196 17.57 -25.27 -28.64
CA ILE C 196 18.27 -24.87 -29.85
C ILE C 196 19.54 -24.09 -29.54
N GLY C 197 19.68 -23.57 -28.33
CA GLY C 197 20.91 -22.87 -27.98
C GLY C 197 22.11 -23.80 -27.85
N LEU C 198 21.90 -24.97 -27.27
CA LEU C 198 22.99 -25.91 -27.01
C LEU C 198 23.43 -26.68 -28.26
N PRO C 199 22.51 -27.24 -29.06
CA PRO C 199 22.96 -27.98 -30.25
C PRO C 199 23.77 -27.15 -31.22
N VAL C 200 23.57 -25.83 -31.24
CA VAL C 200 24.39 -24.99 -32.11
C VAL C 200 25.73 -24.70 -31.45
N MET C 201 25.81 -24.76 -30.12
CA MET C 201 27.09 -24.57 -29.44
C MET C 201 28.05 -25.70 -29.80
N PHE C 202 27.56 -26.94 -29.82
CA PHE C 202 28.43 -28.08 -30.09
C PHE C 202 28.83 -28.14 -31.55
N MET C 203 27.90 -27.84 -32.46
CA MET C 203 28.15 -27.97 -33.89
C MET C 203 28.80 -26.74 -34.51
N ALA C 204 28.96 -25.66 -33.75
CA ALA C 204 29.62 -24.47 -34.29
C ALA C 204 31.09 -24.77 -34.53
N THR C 205 31.59 -24.31 -35.68
CA THR C 205 32.96 -24.58 -36.06
C THR C 205 33.49 -23.42 -36.89
N THR C 206 34.82 -23.32 -36.95
CA THR C 206 35.49 -22.36 -37.81
C THR C 206 36.17 -23.10 -38.95
N LYS C 207 35.96 -22.63 -40.17
CA LYS C 207 36.50 -23.29 -41.34
C LYS C 207 37.26 -22.28 -42.19
N TYR C 208 38.46 -22.69 -42.63
CA TYR C 208 39.24 -21.89 -43.56
C TYR C 208 38.74 -22.13 -44.97
N ARG C 209 38.68 -21.06 -45.76
CA ARG C 209 38.11 -21.13 -47.10
C ARG C 209 39.10 -20.64 -48.13
N GLN C 210 38.63 -20.45 -49.37
CA GLN C 210 39.50 -19.94 -50.42
C GLN C 210 40.05 -18.57 -50.07
N GLY C 211 39.22 -17.71 -49.49
CA GLY C 211 39.67 -16.39 -49.10
C GLY C 211 40.25 -16.33 -47.69
N SER C 212 39.46 -16.73 -46.70
CA SER C 212 39.85 -16.56 -45.30
C SER C 212 38.91 -17.41 -44.44
N ILE C 213 38.98 -17.20 -43.13
CA ILE C 213 38.20 -17.97 -42.17
C ILE C 213 36.84 -17.32 -41.97
N ASP C 214 35.79 -18.14 -42.02
CA ASP C 214 34.43 -17.68 -41.80
C ASP C 214 33.71 -18.65 -40.86
N CYS C 215 32.86 -18.11 -39.99
CA CYS C 215 32.09 -18.93 -39.08
C CYS C 215 31.00 -19.66 -39.86
N THR C 216 30.80 -20.94 -39.55
CA THR C 216 29.82 -21.75 -40.25
C THR C 216 29.47 -22.93 -39.36
N LEU C 217 28.27 -23.48 -39.56
CA LEU C 217 27.83 -24.67 -38.86
C LEU C 217 27.89 -25.86 -39.80
N THR C 218 28.84 -26.76 -39.55
CA THR C 218 28.92 -28.03 -40.27
C THR C 218 27.95 -29.00 -39.59
N PHE C 219 26.90 -29.39 -40.31
CA PHE C 219 25.74 -30.02 -39.67
C PHE C 219 26.01 -31.49 -39.33
N SER C 220 26.20 -32.32 -40.35
CA SER C 220 26.33 -33.76 -40.13
C SER C 220 26.73 -34.46 -41.42
N HIS C 221 26.76 -35.79 -41.40
CA HIS C 221 27.13 -36.54 -42.60
C HIS C 221 26.19 -36.24 -43.77
N PRO C 222 24.87 -36.28 -43.64
CA PRO C 222 24.03 -35.80 -44.73
C PRO C 222 23.74 -34.31 -44.57
N THR C 223 23.77 -33.61 -45.69
CA THR C 223 23.49 -32.18 -45.71
C THR C 223 22.13 -31.85 -46.29
N TRP C 224 21.77 -32.47 -47.42
CA TRP C 224 20.47 -32.25 -48.03
C TRP C 224 19.32 -32.57 -47.08
N TYR C 225 19.52 -33.49 -46.13
CA TYR C 225 18.44 -33.92 -45.25
C TYR C 225 18.50 -33.30 -43.87
N TRP C 226 19.57 -32.59 -43.55
CA TRP C 226 19.70 -31.97 -42.23
C TRP C 226 19.96 -30.48 -42.27
N GLU C 227 20.61 -29.97 -43.32
CA GLU C 227 20.82 -28.53 -43.42
C GLU C 227 19.50 -27.80 -43.57
N ASN C 228 18.58 -28.37 -44.34
CA ASN C 228 17.28 -27.74 -44.51
C ASN C 228 16.38 -27.89 -43.29
N LEU C 229 16.62 -28.92 -42.47
CA LEU C 229 15.76 -29.15 -41.32
C LEU C 229 15.80 -27.97 -40.36
N LEU C 230 16.99 -27.44 -40.10
CA LEU C 230 17.08 -26.27 -39.23
C LEU C 230 16.35 -25.08 -39.84
N LYS C 231 16.50 -24.87 -41.15
CA LYS C 231 15.86 -23.72 -41.78
C LYS C 231 14.35 -23.84 -41.74
N ILE C 232 13.81 -25.04 -41.97
CA ILE C 232 12.36 -25.19 -41.94
C ILE C 232 11.86 -25.14 -40.50
N CYS C 233 12.59 -25.75 -39.56
CA CYS C 233 12.13 -25.78 -38.18
C CYS C 233 12.07 -24.38 -37.58
N VAL C 234 13.09 -23.56 -37.81
CA VAL C 234 13.08 -22.20 -37.28
C VAL C 234 11.94 -21.40 -37.88
N PHE C 235 11.51 -21.76 -39.09
CA PHE C 235 10.41 -21.04 -39.72
C PHE C 235 9.11 -21.27 -38.96
N ILE C 236 8.78 -22.53 -38.69
CA ILE C 236 7.49 -22.85 -38.07
C ILE C 236 7.45 -22.34 -36.65
N PHE C 237 8.50 -22.59 -35.87
CA PHE C 237 8.47 -22.34 -34.44
C PHE C 237 8.93 -20.95 -34.04
N ALA C 238 9.24 -20.09 -35.00
CA ALA C 238 9.59 -18.72 -34.69
C ALA C 238 8.84 -17.69 -35.52
N PHE C 239 8.07 -18.11 -36.51
CA PHE C 239 7.22 -17.19 -37.24
C PHE C 239 5.76 -17.57 -37.21
N ILE C 240 5.43 -18.84 -37.47
CA ILE C 240 4.03 -19.22 -37.63
C ILE C 240 3.34 -19.24 -36.27
N MET C 241 3.88 -19.99 -35.31
CA MET C 241 3.29 -20.01 -33.98
C MET C 241 3.25 -18.63 -33.33
N PRO C 242 4.31 -17.81 -33.35
CA PRO C 242 4.18 -16.47 -32.75
C PRO C 242 3.10 -15.64 -33.39
N VAL C 243 3.09 -15.54 -34.72
CA VAL C 243 2.11 -14.70 -35.39
C VAL C 243 0.70 -15.19 -35.09
N LEU C 244 0.54 -16.50 -34.95
CA LEU C 244 -0.79 -17.07 -34.76
C LEU C 244 -1.36 -16.70 -33.39
N ILE C 245 -0.58 -16.88 -32.33
CA ILE C 245 -1.16 -16.76 -30.99
C ILE C 245 -1.21 -15.32 -30.53
N ILE C 246 -0.29 -14.47 -31.00
CA ILE C 246 -0.40 -13.06 -30.61
C ILE C 246 -1.46 -12.37 -31.44
N THR C 247 -2.01 -13.06 -32.43
CA THR C 247 -3.14 -12.49 -33.18
C THR C 247 -4.46 -12.92 -32.58
N VAL C 248 -4.65 -14.23 -32.39
CA VAL C 248 -5.90 -14.74 -31.83
C VAL C 248 -6.10 -14.22 -30.40
N CYS C 249 -5.06 -14.29 -29.58
CA CYS C 249 -5.18 -13.84 -28.20
C CYS C 249 -5.52 -12.36 -28.15
N TYR C 250 -4.84 -11.54 -28.94
CA TYR C 250 -5.21 -10.14 -29.00
C TYR C 250 -6.51 -9.96 -29.79
N GLY C 251 -6.85 -10.90 -30.66
CA GLY C 251 -8.10 -10.78 -31.37
C GLY C 251 -9.30 -10.88 -30.45
N LEU C 252 -9.33 -11.91 -29.60
CA LEU C 252 -10.49 -12.12 -28.76
C LEU C 252 -10.57 -11.10 -27.62
N MET C 253 -9.43 -10.51 -27.25
CA MET C 253 -9.45 -9.46 -26.24
C MET C 253 -10.27 -8.28 -26.69
N ILE C 254 -10.08 -7.84 -27.94
CA ILE C 254 -10.76 -6.65 -28.42
C ILE C 254 -12.25 -6.86 -28.51
N LEU C 255 -12.67 -8.07 -28.89
CA LEU C 255 -14.10 -8.36 -28.96
C LEU C 255 -14.75 -8.24 -27.58
N ARG C 256 -14.11 -8.78 -26.55
CA ARG C 256 -14.68 -8.71 -25.22
C ARG C 256 -14.71 -7.29 -24.70
N LEU C 257 -13.69 -6.49 -25.01
CA LEU C 257 -13.63 -5.13 -24.49
C LEU C 257 -14.75 -4.26 -25.03
N LYS C 258 -15.46 -4.71 -26.06
CA LYS C 258 -16.60 -3.96 -26.54
C LYS C 258 -17.71 -3.89 -25.50
N SER C 259 -17.97 -4.99 -24.81
CA SER C 259 -19.13 -5.12 -23.95
C SER C 259 -18.84 -4.80 -22.49
N VAL C 260 -17.78 -4.09 -22.20
CA VAL C 260 -17.48 -3.71 -20.82
C VAL C 260 -18.14 -2.38 -20.51
N ARG C 261 -18.98 -2.36 -19.48
CA ARG C 261 -19.74 -1.17 -19.14
C ARG C 261 -18.85 0.02 -18.82
N MET C 262 -17.60 -0.23 -18.44
CA MET C 262 -16.70 0.86 -18.11
C MET C 262 -16.21 1.59 -19.35
N LEU C 263 -16.15 0.92 -20.50
CA LEU C 263 -15.46 1.45 -21.67
C LEU C 263 -16.41 1.81 -22.80
N SER C 264 -17.63 2.19 -22.49
CA SER C 264 -18.60 2.53 -23.53
C SER C 264 -19.75 3.32 -22.93
N GLY C 265 -20.19 4.35 -23.64
CA GLY C 265 -21.33 5.12 -23.21
C GLY C 265 -21.10 6.61 -23.19
N SER C 266 -19.84 7.04 -23.25
CA SER C 266 -19.52 8.45 -23.21
C SER C 266 -18.50 8.76 -24.29
N LYS C 267 -18.47 10.03 -24.70
CA LYS C 267 -17.48 10.48 -25.67
C LYS C 267 -16.08 10.35 -25.10
N GLU C 268 -15.92 10.61 -23.80
CA GLU C 268 -14.60 10.47 -23.19
C GLU C 268 -14.26 9.01 -22.94
N LYS C 269 -15.26 8.17 -22.67
CA LYS C 269 -14.98 6.74 -22.48
C LYS C 269 -14.40 6.14 -23.74
N ASP C 270 -15.04 6.37 -24.89
CA ASP C 270 -14.57 5.75 -26.12
C ASP C 270 -13.20 6.24 -26.54
N ARG C 271 -12.75 7.39 -26.04
CA ARG C 271 -11.37 7.79 -26.25
C ARG C 271 -10.42 6.80 -25.58
N ASN C 272 -10.86 6.17 -24.49
CA ASN C 272 -10.06 5.14 -23.85
C ASN C 272 -10.08 3.86 -24.68
N LEU C 273 -11.25 3.47 -25.18
CA LEU C 273 -11.32 2.28 -26.03
C LEU C 273 -10.52 2.49 -27.30
N ARG C 274 -10.54 3.70 -27.85
CA ARG C 274 -9.74 3.99 -29.03
C ARG C 274 -8.25 3.88 -28.73
N ARG C 275 -7.84 4.35 -27.55
CA ARG C 275 -6.42 4.30 -27.21
C ARG C 275 -5.94 2.86 -27.06
N ILE C 276 -6.79 1.99 -26.50
CA ILE C 276 -6.36 0.62 -26.25
C ILE C 276 -6.23 -0.14 -27.56
N THR C 277 -7.21 0.01 -28.45
CA THR C 277 -7.16 -0.74 -29.70
C THR C 277 -6.07 -0.23 -30.63
N ARG C 278 -5.62 1.00 -30.44
CA ARG C 278 -4.46 1.48 -31.18
C ARG C 278 -3.18 0.85 -30.62
N MET C 279 -3.08 0.77 -29.31
CA MET C 279 -1.86 0.23 -28.69
C MET C 279 -1.71 -1.25 -29.00
N VAL C 280 -2.81 -2.00 -28.96
CA VAL C 280 -2.74 -3.43 -29.28
C VAL C 280 -2.38 -3.63 -30.74
N LEU C 281 -3.01 -2.87 -31.63
CA LEU C 281 -2.81 -3.06 -33.06
C LEU C 281 -1.38 -2.72 -33.47
N VAL C 282 -0.79 -1.70 -32.83
CA VAL C 282 0.59 -1.35 -33.15
C VAL C 282 1.52 -2.51 -32.85
N VAL C 283 1.28 -3.21 -31.74
CA VAL C 283 2.17 -4.28 -31.32
C VAL C 283 2.24 -5.37 -32.38
N VAL C 284 1.09 -5.77 -32.91
CA VAL C 284 1.08 -6.81 -33.93
C VAL C 284 1.69 -6.28 -35.23
N ALA C 285 1.43 -5.01 -35.55
CA ALA C 285 1.94 -4.47 -36.81
C ALA C 285 3.46 -4.47 -36.85
N VAL C 286 4.10 -4.04 -35.77
CA VAL C 286 5.56 -3.99 -35.74
C VAL C 286 6.14 -5.38 -35.90
N PHE C 287 5.57 -6.35 -35.20
CA PHE C 287 6.11 -7.71 -35.24
C PHE C 287 6.02 -8.28 -36.65
N ILE C 288 4.91 -8.04 -37.34
CA ILE C 288 4.75 -8.58 -38.69
C ILE C 288 5.75 -7.94 -39.65
N VAL C 289 5.84 -6.62 -39.63
CA VAL C 289 6.68 -5.92 -40.60
C VAL C 289 8.16 -6.17 -40.30
N CYS C 290 8.54 -6.19 -39.03
CA CYS C 290 9.96 -6.32 -38.69
C CYS C 290 10.47 -7.74 -38.75
N TRP C 291 9.60 -8.74 -38.96
CA TRP C 291 10.03 -10.13 -38.94
C TRP C 291 9.73 -10.89 -40.23
N THR C 292 8.71 -10.49 -40.97
CA THR C 292 8.38 -11.22 -42.19
C THR C 292 9.47 -11.15 -43.25
N PRO C 293 10.03 -9.98 -43.60
CA PRO C 293 10.93 -9.94 -44.76
C PRO C 293 12.11 -10.89 -44.68
N ILE C 294 12.73 -11.02 -43.51
CA ILE C 294 13.93 -11.84 -43.42
C ILE C 294 13.59 -13.31 -43.60
N HIS C 295 12.44 -13.75 -43.07
CA HIS C 295 12.07 -15.15 -43.21
C HIS C 295 11.77 -15.49 -44.67
N ILE C 296 11.07 -14.62 -45.38
CA ILE C 296 10.74 -14.92 -46.76
C ILE C 296 11.99 -14.84 -47.63
N TYR C 297 12.94 -13.98 -47.26
CA TYR C 297 14.14 -13.83 -48.07
C TYR C 297 15.10 -15.00 -47.85
N VAL C 298 15.08 -15.59 -46.66
CA VAL C 298 15.90 -16.78 -46.40
C VAL C 298 15.39 -17.95 -47.22
N ILE C 299 14.08 -18.19 -47.18
CA ILE C 299 13.52 -19.35 -47.87
C ILE C 299 13.75 -19.25 -49.37
N ILE C 300 13.54 -18.06 -49.94
CA ILE C 300 13.71 -17.88 -51.37
C ILE C 300 15.16 -18.18 -51.77
N LYS C 301 16.11 -17.70 -50.99
CA LYS C 301 17.51 -17.96 -51.28
C LYS C 301 17.85 -19.44 -51.15
N ALA C 302 17.00 -20.23 -50.48
CA ALA C 302 17.25 -21.66 -50.37
C ALA C 302 16.64 -22.44 -51.52
N LEU C 303 15.90 -21.76 -52.40
CA LEU C 303 15.17 -22.46 -53.46
C LEU C 303 15.63 -22.11 -54.87
N ILE C 304 16.41 -21.03 -55.03
CA ILE C 304 16.83 -20.59 -56.36
C ILE C 304 18.22 -19.96 -56.25
N THR C 305 18.83 -19.71 -57.42
CA THR C 305 20.23 -19.31 -57.47
C THR C 305 20.47 -17.94 -56.85
N ILE C 306 19.71 -16.93 -57.28
CA ILE C 306 19.94 -15.54 -56.90
C ILE C 306 21.39 -15.16 -57.21
N PRO C 307 21.74 -14.93 -58.47
CA PRO C 307 23.12 -14.56 -58.80
C PRO C 307 23.56 -13.32 -58.02
N GLU C 308 24.81 -13.35 -57.55
CA GLU C 308 25.28 -12.34 -56.62
C GLU C 308 25.49 -11.00 -57.31
N THR C 309 24.46 -10.17 -57.30
CA THR C 309 24.53 -8.81 -57.82
C THR C 309 24.80 -7.86 -56.67
N THR C 310 25.38 -6.70 -56.99
CA THR C 310 25.67 -5.70 -55.96
C THR C 310 24.41 -5.30 -55.22
N PHE C 311 23.26 -5.31 -55.90
CA PHE C 311 22.01 -5.00 -55.23
C PHE C 311 21.61 -6.08 -54.25
N GLN C 312 21.88 -7.35 -54.59
CA GLN C 312 21.57 -8.44 -53.68
C GLN C 312 22.31 -8.29 -52.37
N THR C 313 23.58 -7.88 -52.43
CA THR C 313 24.33 -7.61 -51.21
C THR C 313 23.74 -6.44 -50.45
N VAL C 314 23.29 -5.41 -51.17
CA VAL C 314 22.70 -4.25 -50.50
C VAL C 314 21.39 -4.63 -49.82
N SER C 315 20.54 -5.37 -50.53
CA SER C 315 19.24 -5.72 -49.99
C SER C 315 19.36 -6.64 -48.79
N TRP C 316 20.26 -7.61 -48.85
CA TRP C 316 20.32 -8.63 -47.81
C TRP C 316 20.70 -8.03 -46.46
N HIS C 317 21.78 -7.26 -46.41
CA HIS C 317 22.23 -6.73 -45.13
C HIS C 317 21.22 -5.75 -44.54
N PHE C 318 20.57 -4.96 -45.39
CA PHE C 318 19.53 -4.06 -44.89
C PHE C 318 18.40 -4.86 -44.25
N CYS C 319 17.99 -5.95 -44.89
CA CYS C 319 16.90 -6.75 -44.37
C CYS C 319 17.26 -7.33 -43.01
N ILE C 320 18.51 -7.76 -42.83
CA ILE C 320 18.96 -8.25 -41.53
C ILE C 320 18.84 -7.15 -40.48
N ALA C 321 19.28 -5.94 -40.81
CA ALA C 321 19.14 -4.83 -39.87
C ALA C 321 17.68 -4.59 -39.51
N LEU C 322 16.78 -4.85 -40.46
CA LEU C 322 15.36 -4.69 -40.17
C LEU C 322 14.91 -5.65 -39.09
N GLY C 323 15.52 -6.83 -39.03
CA GLY C 323 15.16 -7.78 -37.98
C GLY C 323 15.45 -7.25 -36.60
N TYR C 324 16.64 -6.67 -36.41
CA TYR C 324 17.01 -6.18 -35.10
C TYR C 324 16.21 -4.94 -34.70
N THR C 325 15.53 -4.30 -35.65
CA THR C 325 14.72 -3.14 -35.32
C THR C 325 13.62 -3.50 -34.32
N ASN C 326 13.20 -4.77 -34.30
CA ASN C 326 12.19 -5.20 -33.36
C ASN C 326 12.68 -5.04 -31.92
N SER C 327 13.96 -5.33 -31.68
CA SER C 327 14.50 -5.22 -30.32
C SER C 327 14.66 -3.76 -29.90
N CYS C 328 14.87 -2.86 -30.86
CA CYS C 328 15.02 -1.45 -30.51
C CYS C 328 13.67 -0.80 -30.20
N LEU C 329 12.63 -1.18 -30.93
CA LEU C 329 11.34 -0.53 -30.75
C LEU C 329 10.61 -1.02 -29.51
N ASN C 330 10.97 -2.19 -29.00
CA ASN C 330 10.26 -2.76 -27.86
C ASN C 330 10.20 -1.85 -26.64
N PRO C 331 11.28 -1.17 -26.24
CA PRO C 331 11.13 -0.22 -25.11
C PRO C 331 10.10 0.87 -25.35
N VAL C 332 9.97 1.37 -26.57
CA VAL C 332 9.00 2.44 -26.83
C VAL C 332 7.58 1.91 -26.71
N LEU C 333 7.33 0.70 -27.21
CA LEU C 333 5.99 0.15 -27.19
C LEU C 333 5.63 -0.41 -25.81
N TYR C 334 6.41 -1.37 -25.33
CA TYR C 334 6.06 -2.10 -24.11
C TYR C 334 6.40 -1.36 -22.84
N ALA C 335 7.35 -0.43 -22.87
CA ALA C 335 7.75 0.29 -21.66
C ALA C 335 7.40 1.77 -21.74
N PHE C 336 7.88 2.48 -22.76
CA PHE C 336 7.66 3.93 -22.82
C PHE C 336 6.20 4.28 -23.08
N LEU C 337 5.37 3.30 -23.47
CA LEU C 337 3.94 3.51 -23.61
C LEU C 337 3.13 2.84 -22.52
N ASP C 338 3.78 2.15 -21.58
CA ASP C 338 3.08 1.55 -20.46
C ASP C 338 2.49 2.64 -19.57
N GLU C 339 1.27 2.40 -19.09
CA GLU C 339 0.59 3.41 -18.29
C GLU C 339 1.35 3.70 -17.00
N ASN C 340 1.89 2.66 -16.36
CA ASN C 340 2.59 2.86 -15.09
C ASN C 340 3.90 3.62 -15.29
N PHE C 341 4.58 3.39 -16.42
CA PHE C 341 5.84 4.09 -16.66
C PHE C 341 5.62 5.60 -16.71
N LYS C 342 4.57 6.05 -17.38
CA LYS C 342 4.23 7.47 -17.34
C LYS C 342 3.80 7.91 -15.96
N ARG C 343 3.21 7.01 -15.18
CA ARG C 343 2.66 7.35 -13.87
C ARG C 343 3.71 7.39 -12.77
N CYS C 344 5.00 7.45 -13.11
CA CYS C 344 6.04 7.59 -12.10
C CYS C 344 7.07 8.63 -12.51
N PHE C 345 6.95 9.15 -13.73
CA PHE C 345 7.87 10.17 -14.20
C PHE C 345 7.14 11.49 -14.41
N LEU D 5 31.21 -16.87 13.73
CA LEU D 5 30.29 -16.47 12.67
C LEU D 5 29.23 -17.54 12.41
N SER D 6 28.03 -17.31 12.96
CA SER D 6 26.87 -18.13 12.67
C SER D 6 27.08 -19.58 13.08
N ALA D 7 27.20 -19.79 14.39
CA ALA D 7 27.39 -21.13 14.92
C ALA D 7 26.10 -21.93 14.94
N GLU D 8 25.13 -21.50 15.75
CA GLU D 8 23.79 -22.05 15.72
C GLU D 8 22.78 -21.04 15.19
N ASP D 9 23.26 -19.86 14.80
CA ASP D 9 22.41 -18.87 14.17
C ASP D 9 21.79 -19.40 12.89
N LYS D 10 22.39 -20.42 12.30
CA LYS D 10 21.82 -21.02 11.11
C LYS D 10 20.43 -21.58 11.39
N ALA D 11 20.23 -22.15 12.58
CA ALA D 11 18.89 -22.60 12.95
C ALA D 11 17.93 -21.43 13.00
N ALA D 12 18.36 -20.30 13.53
CA ALA D 12 17.49 -19.13 13.57
C ALA D 12 17.14 -18.67 12.17
N VAL D 13 18.11 -18.65 11.26
CA VAL D 13 17.84 -18.21 9.90
C VAL D 13 16.90 -19.17 9.20
N GLU D 14 17.04 -20.46 9.46
CA GLU D 14 16.10 -21.42 8.88
C GLU D 14 14.69 -21.20 9.40
N ARG D 15 14.55 -20.93 10.69
CA ARG D 15 13.23 -20.62 11.23
C ARG D 15 12.64 -19.40 10.56
N SER D 16 13.47 -18.37 10.35
CA SER D 16 13.00 -17.17 9.67
C SER D 16 12.52 -17.50 8.28
N LYS D 17 13.26 -18.30 7.53
CA LYS D 17 12.85 -18.65 6.17
C LYS D 17 11.53 -19.41 6.17
N MET D 18 11.36 -20.34 7.10
CA MET D 18 10.12 -21.11 7.13
C MET D 18 8.92 -20.21 7.40
N ILE D 19 9.01 -19.35 8.40
CA ILE D 19 7.83 -18.53 8.67
C ILE D 19 7.63 -17.47 7.61
N ASP D 20 8.69 -17.06 6.90
CA ASP D 20 8.52 -16.18 5.75
C ASP D 20 7.73 -16.87 4.65
N ARG D 21 8.04 -18.15 4.40
CA ARG D 21 7.29 -18.91 3.41
C ARG D 21 5.83 -19.01 3.81
N ASN D 22 5.56 -19.27 5.08
CA ASN D 22 4.17 -19.35 5.53
C ASN D 22 3.45 -18.03 5.34
N LEU D 23 4.11 -16.92 5.65
CA LEU D 23 3.50 -15.61 5.42
C LEU D 23 3.12 -15.43 3.95
N ARG D 24 4.07 -15.73 3.06
CA ARG D 24 3.80 -15.51 1.64
C ARG D 24 2.63 -16.37 1.18
N GLU D 25 2.59 -17.62 1.61
CA GLU D 25 1.52 -18.51 1.19
C GLU D 25 0.16 -18.00 1.69
N ASP D 26 0.09 -17.56 2.95
CA ASP D 26 -1.18 -17.06 3.46
C ASP D 26 -1.62 -15.80 2.74
N GLY D 27 -0.67 -14.92 2.40
CA GLY D 27 -1.03 -13.72 1.67
C GLY D 27 -1.55 -14.00 0.28
N GLU D 28 -0.90 -14.91 -0.44
CA GLU D 28 -1.39 -15.29 -1.75
C GLU D 28 -2.77 -15.93 -1.66
N LYS D 29 -3.00 -16.73 -0.62
CA LYS D 29 -4.32 -17.33 -0.45
C LYS D 29 -5.38 -16.30 -0.16
N ALA D 30 -5.06 -15.27 0.59
CA ALA D 30 -6.06 -14.27 0.95
C ALA D 30 -6.22 -13.17 -0.09
N ALA D 31 -5.34 -13.11 -1.09
CA ALA D 31 -5.49 -12.11 -2.15
C ALA D 31 -6.37 -12.58 -3.30
N ARG D 32 -7.08 -13.69 -3.15
CA ARG D 32 -8.02 -14.14 -4.16
C ARG D 32 -9.45 -14.18 -3.64
N GLU D 33 -9.72 -13.56 -2.50
CA GLU D 33 -11.07 -13.34 -2.04
C GLU D 33 -11.45 -11.91 -2.33
N VAL D 34 -12.74 -11.67 -2.54
CA VAL D 34 -13.23 -10.34 -2.90
C VAL D 34 -13.95 -9.77 -1.69
N LYS D 35 -13.58 -8.54 -1.32
CA LYS D 35 -14.07 -7.89 -0.12
C LYS D 35 -15.08 -6.83 -0.48
N LEU D 36 -16.21 -6.82 0.21
CA LEU D 36 -17.31 -5.91 -0.05
C LEU D 36 -17.65 -5.18 1.22
N LEU D 37 -17.92 -3.88 1.12
CA LEU D 37 -18.22 -3.07 2.29
C LEU D 37 -19.68 -2.64 2.24
N LEU D 38 -20.45 -3.00 3.25
CA LEU D 38 -21.91 -2.86 3.20
C LEU D 38 -22.35 -1.69 4.08
N LEU D 39 -22.44 -0.51 3.49
CA LEU D 39 -23.02 0.63 4.18
C LEU D 39 -24.53 0.54 4.13
N GLY D 40 -25.21 1.62 4.48
CA GLY D 40 -26.66 1.67 4.46
C GLY D 40 -27.13 2.50 5.64
N ALA D 41 -28.30 3.11 5.49
CA ALA D 41 -28.86 3.92 6.55
C ALA D 41 -29.36 2.99 7.66
N GLY D 42 -29.99 3.57 8.68
CA GLY D 42 -30.40 2.78 9.83
C GLY D 42 -31.41 1.71 9.52
N GLU D 43 -30.96 0.46 9.51
CA GLU D 43 -31.78 -0.72 9.22
C GLU D 43 -32.73 -0.47 8.05
N SER D 44 -32.23 0.18 7.00
CA SER D 44 -33.06 0.43 5.84
C SER D 44 -33.42 -0.87 5.13
N GLY D 45 -32.43 -1.60 4.67
CA GLY D 45 -32.68 -2.94 4.18
C GLY D 45 -31.54 -3.89 4.51
N LYS D 46 -30.53 -3.39 5.21
CA LYS D 46 -29.28 -4.13 5.38
C LYS D 46 -29.52 -5.52 5.95
N SER D 47 -30.43 -5.63 6.92
CA SER D 47 -30.75 -6.94 7.48
C SER D 47 -31.32 -7.87 6.41
N THR D 48 -32.18 -7.33 5.55
CA THR D 48 -32.80 -8.16 4.52
C THR D 48 -31.79 -8.68 3.52
N ILE D 49 -30.79 -7.87 3.17
CA ILE D 49 -29.90 -8.19 2.06
C ILE D 49 -29.14 -9.48 2.34
N VAL D 50 -28.58 -9.60 3.55
CA VAL D 50 -27.76 -10.76 3.88
C VAL D 50 -28.57 -12.05 3.88
N LYS D 51 -29.89 -11.97 3.87
CA LYS D 51 -30.71 -13.18 3.84
C LYS D 51 -30.67 -13.83 2.46
N GLN D 52 -30.80 -13.03 1.40
CA GLN D 52 -30.93 -13.60 0.06
C GLN D 52 -29.68 -14.37 -0.34
N MET D 53 -28.51 -13.85 -0.02
CA MET D 53 -27.29 -14.57 -0.32
C MET D 53 -27.14 -15.78 0.60
N LYS D 54 -26.23 -16.69 0.23
CA LYS D 54 -26.19 -18.02 0.82
C LYS D 54 -26.12 -17.94 2.35
N ILE D 55 -25.19 -17.15 2.88
CA ILE D 55 -24.92 -17.07 4.30
C ILE D 55 -24.53 -18.44 4.86
N THR D 182 -20.17 -5.84 19.85
CA THR D 182 -19.25 -6.29 18.82
C THR D 182 -19.20 -5.27 17.70
N GLY D 183 -18.00 -4.95 17.23
CA GLY D 183 -17.82 -3.90 16.26
C GLY D 183 -18.34 -4.24 14.88
N ILE D 184 -17.67 -5.14 14.18
CA ILE D 184 -18.08 -5.50 12.82
C ILE D 184 -18.17 -7.02 12.72
N VAL D 185 -18.98 -7.48 11.78
CA VAL D 185 -19.25 -8.89 11.60
C VAL D 185 -19.09 -9.26 10.14
N GLU D 186 -18.22 -10.22 9.85
CA GLU D 186 -18.01 -10.67 8.48
C GLU D 186 -19.06 -11.71 8.09
N THR D 187 -19.12 -11.99 6.79
CA THR D 187 -20.08 -12.98 6.25
C THR D 187 -19.47 -13.62 5.02
N HIS D 188 -18.80 -14.74 5.21
CA HIS D 188 -18.14 -15.42 4.11
C HIS D 188 -19.16 -16.26 3.35
N PHE D 189 -19.20 -16.11 2.02
CA PHE D 189 -20.07 -16.96 1.23
C PHE D 189 -19.49 -17.09 -0.18
N THR D 190 -19.89 -18.14 -0.88
CA THR D 190 -19.33 -18.44 -2.18
C THR D 190 -20.43 -18.60 -3.23
N PHE D 191 -20.06 -18.35 -4.48
CA PHE D 191 -20.99 -18.44 -5.59
C PHE D 191 -20.19 -18.52 -6.88
N LYS D 192 -20.43 -19.57 -7.67
CA LYS D 192 -19.75 -19.77 -8.95
C LYS D 192 -18.24 -19.70 -8.79
N ASP D 193 -17.72 -20.38 -7.77
CA ASP D 193 -16.30 -20.50 -7.52
C ASP D 193 -15.64 -19.16 -7.19
N LEU D 194 -16.39 -18.24 -6.60
CA LEU D 194 -15.85 -16.96 -6.13
C LEU D 194 -16.18 -16.81 -4.66
N HIS D 195 -15.22 -16.31 -3.88
CA HIS D 195 -15.38 -16.18 -2.44
C HIS D 195 -15.56 -14.72 -2.06
N PHE D 196 -16.71 -14.40 -1.49
CA PHE D 196 -17.04 -13.06 -1.05
C PHE D 196 -16.92 -12.98 0.46
N LYS D 197 -16.32 -11.91 0.95
CA LYS D 197 -16.46 -11.49 2.33
C LYS D 197 -17.16 -10.15 2.34
N MET D 198 -18.05 -9.94 3.29
CA MET D 198 -18.90 -8.75 3.27
C MET D 198 -19.00 -8.18 4.68
N PHE D 199 -18.35 -7.03 4.92
CA PHE D 199 -18.28 -6.43 6.24
C PHE D 199 -19.33 -5.33 6.35
N ASP D 200 -20.11 -5.35 7.43
CA ASP D 200 -20.99 -4.22 7.75
C ASP D 200 -20.59 -3.62 9.08
N VAL D 201 -20.74 -2.30 9.19
CA VAL D 201 -20.21 -1.56 10.30
C VAL D 201 -21.32 -0.81 11.02
N GLY D 202 -22.52 -1.40 11.05
CA GLY D 202 -23.64 -0.73 11.66
C GLY D 202 -23.57 -0.63 13.17
N GLY D 203 -22.78 -1.48 13.80
CA GLY D 203 -22.70 -1.47 15.25
C GLY D 203 -21.51 -0.72 15.78
N GLN D 204 -20.93 0.14 14.96
CA GLN D 204 -19.73 0.90 15.31
C GLN D 204 -20.12 2.37 15.38
N ARG D 205 -20.34 2.87 16.59
CA ARG D 205 -20.78 4.25 16.80
C ARG D 205 -19.58 5.06 17.23
N SER D 206 -18.99 5.78 16.28
CA SER D 206 -17.82 6.60 16.53
C SER D 206 -17.66 7.56 15.36
N GLU D 207 -16.61 8.37 15.42
CA GLU D 207 -16.34 9.30 14.32
C GLU D 207 -15.92 8.50 13.09
N ARG D 208 -16.81 8.40 12.11
CA ARG D 208 -16.54 7.60 10.93
C ARG D 208 -15.27 8.05 10.24
N LYS D 209 -14.90 9.32 10.40
CA LYS D 209 -13.68 9.82 9.80
C LYS D 209 -12.44 9.13 10.37
N LYS D 210 -12.51 8.65 11.59
CA LYS D 210 -11.33 8.14 12.29
C LYS D 210 -11.01 6.70 11.95
N TRP D 211 -11.91 5.96 11.32
CA TRP D 211 -11.59 4.60 10.91
C TRP D 211 -12.07 4.25 9.52
N ILE D 212 -12.66 5.20 8.77
CA ILE D 212 -13.07 4.84 7.42
C ILE D 212 -11.88 4.55 6.54
N HIS D 213 -10.71 5.10 6.86
CA HIS D 213 -9.56 4.88 6.00
C HIS D 213 -9.01 3.47 6.11
N CYS D 214 -9.49 2.67 7.06
CA CYS D 214 -9.10 1.27 7.09
C CYS D 214 -9.57 0.54 5.85
N PHE D 215 -10.69 0.99 5.26
CA PHE D 215 -11.40 0.23 4.26
C PHE D 215 -11.09 0.63 2.83
N GLU D 216 -10.13 1.52 2.60
CA GLU D 216 -9.80 1.83 1.21
C GLU D 216 -9.19 0.60 0.58
N GLY D 217 -9.54 0.35 -0.67
CA GLY D 217 -9.10 -0.84 -1.35
C GLY D 217 -10.07 -1.99 -1.34
N VAL D 218 -11.26 -1.82 -0.75
CA VAL D 218 -12.29 -2.81 -0.91
C VAL D 218 -12.70 -2.85 -2.37
N THR D 219 -13.16 -4.00 -2.83
CA THR D 219 -13.49 -4.12 -4.25
C THR D 219 -14.72 -3.30 -4.59
N ALA D 220 -15.73 -3.29 -3.72
CA ALA D 220 -16.91 -2.51 -4.03
C ALA D 220 -17.67 -2.18 -2.76
N ILE D 221 -18.43 -1.10 -2.84
CA ILE D 221 -19.34 -0.72 -1.78
C ILE D 221 -20.73 -1.19 -2.16
N ILE D 222 -21.48 -1.71 -1.20
CA ILE D 222 -22.88 -2.02 -1.41
C ILE D 222 -23.69 -1.07 -0.55
N PHE D 223 -24.44 -0.20 -1.20
CA PHE D 223 -25.25 0.79 -0.53
C PHE D 223 -26.70 0.36 -0.61
N CYS D 224 -27.37 0.29 0.53
CA CYS D 224 -28.70 -0.27 0.63
C CYS D 224 -29.67 0.83 1.00
N VAL D 225 -30.73 1.00 0.20
CA VAL D 225 -31.68 2.10 0.39
C VAL D 225 -33.09 1.55 0.40
N ALA D 226 -33.87 1.95 1.39
CA ALA D 226 -35.29 1.61 1.46
C ALA D 226 -36.07 2.60 0.62
N LEU D 227 -36.86 2.09 -0.31
CA LEU D 227 -37.55 2.94 -1.29
C LEU D 227 -38.90 3.43 -0.81
N SER D 228 -39.41 2.91 0.30
CA SER D 228 -40.70 3.31 0.84
C SER D 228 -40.56 4.30 1.99
N ASP D 229 -39.43 4.99 2.07
CA ASP D 229 -39.18 5.91 3.17
C ASP D 229 -39.31 7.37 2.77
N TYR D 230 -39.84 7.64 1.57
CA TYR D 230 -39.88 9.02 1.11
C TYR D 230 -40.88 9.86 1.89
N ASP D 231 -41.78 9.25 2.65
CA ASP D 231 -42.79 9.99 3.40
C ASP D 231 -42.54 9.98 4.90
N LEU D 232 -42.13 8.85 5.46
CA LEU D 232 -41.91 8.77 6.89
C LEU D 232 -40.73 9.66 7.30
N VAL D 233 -40.78 10.12 8.54
CA VAL D 233 -39.73 10.99 9.05
C VAL D 233 -39.11 10.42 10.32
N ASN D 241 -38.63 13.14 4.22
CA ASN D 241 -37.45 13.67 4.89
C ASN D 241 -36.35 12.62 4.97
N ARG D 242 -36.73 11.41 5.39
CA ARG D 242 -35.75 10.34 5.56
C ARG D 242 -34.94 10.13 4.29
N MET D 243 -35.59 10.25 3.13
CA MET D 243 -34.88 10.12 1.87
C MET D 243 -33.80 11.19 1.74
N HIS D 244 -34.09 12.41 2.20
CA HIS D 244 -33.09 13.46 2.13
C HIS D 244 -31.87 13.12 2.96
N GLU D 245 -32.08 12.56 4.16
CA GLU D 245 -30.96 12.17 5.00
C GLU D 245 -30.16 11.05 4.35
N SER D 246 -30.85 10.08 3.77
CA SER D 246 -30.14 8.99 3.12
C SER D 246 -29.35 9.49 1.92
N MET D 247 -29.88 10.45 1.17
CA MET D 247 -29.11 11.04 0.08
C MET D 247 -27.91 11.81 0.60
N LYS D 248 -28.06 12.47 1.75
CA LYS D 248 -26.91 13.16 2.33
C LYS D 248 -25.81 12.17 2.69
N LEU D 249 -26.18 11.04 3.29
CA LEU D 249 -25.18 10.02 3.61
C LEU D 249 -24.55 9.46 2.36
N PHE D 250 -25.36 9.20 1.32
CA PHE D 250 -24.82 8.68 0.08
C PHE D 250 -23.83 9.66 -0.54
N ASP D 251 -24.15 10.93 -0.54
CA ASP D 251 -23.24 11.93 -1.08
C ASP D 251 -21.94 11.97 -0.28
N SER D 252 -22.05 11.89 1.05
CA SER D 252 -20.85 11.93 1.88
C SER D 252 -19.95 10.74 1.60
N ILE D 253 -20.53 9.55 1.46
CA ILE D 253 -19.73 8.35 1.22
C ILE D 253 -19.14 8.35 -0.17
N CYS D 254 -19.93 8.75 -1.17
CA CYS D 254 -19.51 8.60 -2.56
C CYS D 254 -18.27 9.43 -2.87
N ASN D 255 -18.20 10.66 -2.36
CA ASN D 255 -17.14 11.59 -2.74
C ASN D 255 -16.05 11.70 -1.69
N ASN D 256 -15.89 10.68 -0.85
CA ASN D 256 -14.86 10.71 0.16
C ASN D 256 -13.49 10.67 -0.47
N LYS D 257 -12.50 11.22 0.23
CA LYS D 257 -11.15 11.30 -0.31
C LYS D 257 -10.53 9.91 -0.50
N TRP D 258 -11.05 8.89 0.16
CA TRP D 258 -10.50 7.55 0.08
C TRP D 258 -11.18 6.67 -0.96
N PHE D 259 -12.44 6.94 -1.27
CA PHE D 259 -13.21 6.16 -2.23
C PHE D 259 -13.36 6.89 -3.55
N THR D 260 -12.30 7.59 -3.98
CA THR D 260 -12.35 8.36 -5.21
C THR D 260 -12.43 7.51 -6.46
N ASP D 261 -12.27 6.20 -6.33
CA ASP D 261 -12.28 5.32 -7.48
C ASP D 261 -13.15 4.08 -7.25
N THR D 262 -13.54 3.80 -6.02
CA THR D 262 -14.24 2.56 -5.71
C THR D 262 -15.66 2.58 -6.27
N SER D 263 -16.04 1.49 -6.93
CA SER D 263 -17.38 1.38 -7.51
C SER D 263 -18.39 1.02 -6.43
N ILE D 264 -19.62 1.51 -6.61
CA ILE D 264 -20.66 1.26 -5.64
C ILE D 264 -21.86 0.63 -6.34
N ILE D 265 -22.60 -0.19 -5.59
CA ILE D 265 -23.82 -0.85 -6.15
C ILE D 265 -25.02 -0.40 -5.30
N LEU D 266 -25.92 0.37 -5.91
CA LEU D 266 -27.10 0.89 -5.16
C LEU D 266 -28.23 -0.13 -5.20
N PHE D 267 -28.61 -0.68 -4.03
CA PHE D 267 -29.76 -1.61 -3.97
C PHE D 267 -30.99 -0.87 -3.45
N LEU D 268 -32.15 -1.10 -4.08
CA LEU D 268 -33.36 -0.38 -3.69
C LEU D 268 -34.37 -1.42 -3.24
N ASN D 269 -34.78 -1.35 -1.98
CA ASN D 269 -35.60 -2.40 -1.39
C ASN D 269 -37.04 -1.93 -1.21
N LYS D 270 -37.88 -2.87 -0.79
CA LYS D 270 -39.27 -2.59 -0.44
C LYS D 270 -40.02 -1.95 -1.61
N LYS D 271 -39.72 -2.39 -2.82
CA LYS D 271 -40.47 -1.91 -3.97
C LYS D 271 -41.93 -2.35 -3.92
N ASP D 272 -42.24 -3.43 -3.21
CA ASP D 272 -43.62 -3.91 -3.14
C ASP D 272 -44.50 -2.92 -2.40
N LEU D 273 -44.08 -2.49 -1.20
CA LEU D 273 -44.87 -1.52 -0.46
C LEU D 273 -44.95 -0.19 -1.19
N PHE D 274 -44.00 0.09 -2.08
CA PHE D 274 -44.02 1.34 -2.82
C PHE D 274 -45.24 1.41 -3.72
N GLU D 275 -45.75 0.25 -4.15
CA GLU D 275 -46.97 0.16 -4.93
C GLU D 275 -48.13 0.84 -4.23
N GLU D 276 -48.52 0.34 -3.07
CA GLU D 276 -49.68 0.86 -2.36
C GLU D 276 -49.33 1.97 -1.38
N LYS D 277 -48.10 2.46 -1.40
CA LYS D 277 -47.82 3.74 -0.75
C LYS D 277 -47.82 4.90 -1.72
N ILE D 278 -47.54 4.65 -3.00
CA ILE D 278 -47.61 5.74 -3.96
C ILE D 278 -49.04 6.05 -4.34
N LYS D 279 -49.96 5.10 -4.16
CA LYS D 279 -51.34 5.30 -4.59
C LYS D 279 -51.99 6.47 -3.88
N LYS D 280 -51.75 6.63 -2.58
CA LYS D 280 -52.38 7.67 -1.79
C LYS D 280 -51.49 8.90 -1.60
N SER D 281 -50.21 8.70 -1.32
CA SER D 281 -49.32 9.82 -1.04
C SER D 281 -48.48 10.12 -2.28
N PRO D 282 -48.59 11.30 -2.87
CA PRO D 282 -47.79 11.61 -4.05
C PRO D 282 -46.32 11.73 -3.71
N LEU D 283 -45.48 11.41 -4.69
CA LEU D 283 -44.04 11.57 -4.50
C LEU D 283 -43.64 13.04 -4.38
N THR D 284 -44.53 13.95 -4.75
CA THR D 284 -44.23 15.37 -4.58
C THR D 284 -44.00 15.75 -3.12
N ILE D 285 -44.44 14.90 -2.19
CA ILE D 285 -44.19 15.17 -0.77
C ILE D 285 -42.70 15.23 -0.50
N CYS D 286 -41.94 14.28 -1.05
CA CYS D 286 -40.50 14.25 -0.88
C CYS D 286 -39.76 15.01 -1.96
N TYR D 287 -40.35 15.19 -3.14
CA TYR D 287 -39.69 15.89 -4.23
C TYR D 287 -40.64 16.94 -4.77
N PRO D 288 -40.63 18.14 -4.18
CA PRO D 288 -41.60 19.16 -4.59
C PRO D 288 -41.41 19.65 -6.02
N GLU D 289 -40.20 19.55 -6.58
CA GLU D 289 -39.94 20.04 -7.92
C GLU D 289 -40.15 18.98 -8.99
N TYR D 290 -41.01 18.00 -8.73
CA TYR D 290 -41.22 16.87 -9.63
C TYR D 290 -42.57 16.99 -10.32
N ALA D 291 -42.59 16.79 -11.63
CA ALA D 291 -43.80 16.88 -12.43
C ALA D 291 -43.90 15.63 -13.30
N GLY D 292 -44.78 14.71 -12.92
CA GLY D 292 -44.93 13.48 -13.67
C GLY D 292 -46.08 12.67 -13.11
N SER D 293 -46.35 11.55 -13.77
CA SER D 293 -47.45 10.69 -13.36
C SER D 293 -47.14 10.06 -12.01
N ASN D 294 -48.16 9.99 -11.16
CA ASN D 294 -48.01 9.39 -9.83
C ASN D 294 -48.15 7.87 -9.89
N THR D 295 -47.35 7.27 -10.76
CA THR D 295 -47.35 5.82 -10.95
C THR D 295 -45.97 5.27 -10.64
N TYR D 296 -45.91 3.96 -10.43
CA TYR D 296 -44.69 3.31 -10.00
C TYR D 296 -43.58 3.48 -11.04
N GLU D 297 -43.91 3.29 -12.31
CA GLU D 297 -42.88 3.21 -13.34
C GLU D 297 -42.06 4.48 -13.42
N GLU D 298 -42.72 5.63 -13.42
CA GLU D 298 -42.01 6.90 -13.52
C GLU D 298 -41.35 7.30 -12.21
N ALA D 299 -42.00 7.00 -11.08
CA ALA D 299 -41.44 7.37 -9.79
C ALA D 299 -40.12 6.64 -9.53
N ALA D 300 -40.08 5.33 -9.82
CA ALA D 300 -38.86 4.58 -9.58
C ALA D 300 -37.71 5.12 -10.42
N ALA D 301 -37.98 5.39 -11.70
CA ALA D 301 -36.94 5.92 -12.57
C ALA D 301 -36.48 7.29 -12.11
N TYR D 302 -37.41 8.13 -11.65
CA TYR D 302 -37.02 9.44 -11.17
C TYR D 302 -36.12 9.34 -9.94
N ILE D 303 -36.46 8.46 -9.00
CA ILE D 303 -35.64 8.32 -7.81
C ILE D 303 -34.26 7.79 -8.18
N GLN D 304 -34.20 6.80 -9.07
CA GLN D 304 -32.92 6.28 -9.49
C GLN D 304 -32.08 7.37 -10.14
N CYS D 305 -32.69 8.19 -10.98
CA CYS D 305 -31.95 9.29 -11.59
C CYS D 305 -31.49 10.30 -10.54
N GLN D 306 -32.30 10.54 -9.52
CA GLN D 306 -31.92 11.46 -8.46
C GLN D 306 -30.67 10.97 -7.76
N PHE D 307 -30.62 9.68 -7.42
CA PHE D 307 -29.45 9.16 -6.73
C PHE D 307 -28.25 9.10 -7.65
N GLU D 308 -28.44 8.72 -8.90
CA GLU D 308 -27.34 8.34 -9.77
C GLU D 308 -26.51 9.52 -10.23
N ASP D 309 -26.96 10.76 -10.03
CA ASP D 309 -26.20 11.93 -10.46
C ASP D 309 -25.56 12.68 -9.31
N LEU D 310 -25.38 12.04 -8.17
CA LEU D 310 -24.71 12.67 -7.05
C LEU D 310 -23.20 12.50 -7.08
N ASN D 311 -22.66 11.71 -8.00
CA ASN D 311 -21.23 11.50 -8.08
C ASN D 311 -20.60 12.57 -8.97
N LYS D 312 -19.66 13.33 -8.41
CA LYS D 312 -19.07 14.45 -9.11
C LYS D 312 -18.04 14.01 -10.14
N ARG D 313 -17.68 12.73 -10.19
CA ARG D 313 -16.64 12.23 -11.09
C ARG D 313 -17.23 11.07 -11.86
N LYS D 314 -17.91 11.39 -12.96
CA LYS D 314 -18.60 10.37 -13.74
C LYS D 314 -17.69 9.65 -14.72
N ASP D 315 -16.47 10.13 -14.91
CA ASP D 315 -15.57 9.53 -15.88
C ASP D 315 -14.66 8.49 -15.26
N THR D 316 -14.79 8.21 -13.98
CA THR D 316 -13.87 7.28 -13.35
C THR D 316 -14.59 6.17 -12.59
N LYS D 317 -15.71 6.45 -11.93
CA LYS D 317 -16.41 5.45 -11.15
C LYS D 317 -17.77 5.19 -11.77
N GLU D 318 -18.22 3.94 -11.67
CA GLU D 318 -19.50 3.53 -12.20
C GLU D 318 -20.43 3.14 -11.06
N ILE D 319 -21.71 3.43 -11.22
CA ILE D 319 -22.73 3.13 -10.23
C ILE D 319 -23.70 2.14 -10.84
N TYR D 320 -23.84 0.98 -10.23
CA TYR D 320 -24.78 -0.02 -10.67
C TYR D 320 -26.03 0.06 -9.81
N THR D 321 -27.18 -0.20 -10.42
CA THR D 321 -28.47 -0.05 -9.75
C THR D 321 -29.32 -1.28 -10.01
N HIS D 322 -30.20 -1.60 -9.06
CA HIS D 322 -31.05 -2.75 -9.21
C HIS D 322 -32.22 -2.62 -8.26
N PHE D 323 -33.39 -3.07 -8.71
CA PHE D 323 -34.59 -3.08 -7.89
C PHE D 323 -34.79 -4.49 -7.37
N THR D 324 -34.72 -4.65 -6.04
CA THR D 324 -34.62 -5.98 -5.48
C THR D 324 -35.88 -6.79 -5.74
N CYS D 325 -35.70 -8.10 -5.85
CA CYS D 325 -36.79 -9.03 -6.09
C CYS D 325 -36.69 -10.17 -5.08
N ALA D 326 -37.80 -10.47 -4.41
CA ALA D 326 -37.78 -11.43 -3.31
C ALA D 326 -37.31 -12.81 -3.76
N THR D 327 -38.08 -13.45 -4.62
CA THR D 327 -37.71 -14.76 -5.15
C THR D 327 -36.74 -14.54 -6.30
N ASP D 328 -36.47 -15.61 -7.06
CA ASP D 328 -35.66 -15.51 -8.28
C ASP D 328 -34.27 -14.96 -7.94
N THR D 329 -33.47 -15.82 -7.30
CA THR D 329 -32.24 -15.36 -6.64
C THR D 329 -31.28 -14.89 -7.73
N LYS D 330 -31.57 -13.70 -8.23
CA LYS D 330 -30.72 -13.01 -9.19
C LYS D 330 -29.95 -11.86 -8.57
N ASN D 331 -30.26 -11.50 -7.31
CA ASN D 331 -29.50 -10.45 -6.64
C ASN D 331 -28.02 -10.80 -6.63
N VAL D 332 -27.69 -12.01 -6.17
CA VAL D 332 -26.31 -12.45 -6.16
C VAL D 332 -25.76 -12.49 -7.57
N GLN D 333 -26.60 -12.74 -8.57
CA GLN D 333 -26.13 -12.68 -9.94
C GLN D 333 -25.73 -11.27 -10.32
N PHE D 334 -26.51 -10.28 -9.92
CA PHE D 334 -26.17 -8.89 -10.20
C PHE D 334 -24.87 -8.50 -9.53
N VAL D 335 -24.68 -8.91 -8.28
CA VAL D 335 -23.44 -8.65 -7.58
C VAL D 335 -22.27 -9.30 -8.31
N PHE D 336 -22.47 -10.53 -8.76
CA PHE D 336 -21.42 -11.23 -9.49
C PHE D 336 -21.02 -10.47 -10.75
N ASP D 337 -22.01 -9.99 -11.51
CA ASP D 337 -21.69 -9.27 -12.74
C ASP D 337 -20.90 -8.00 -12.46
N ALA D 338 -21.35 -7.21 -11.49
CA ALA D 338 -20.65 -5.97 -11.18
C ALA D 338 -19.23 -6.25 -10.71
N VAL D 339 -19.04 -7.26 -9.87
CA VAL D 339 -17.71 -7.54 -9.37
C VAL D 339 -16.80 -8.03 -10.48
N THR D 340 -17.34 -8.80 -11.43
CA THR D 340 -16.50 -9.24 -12.55
C THR D 340 -16.04 -8.05 -13.39
N ASP D 341 -16.93 -7.09 -13.63
CA ASP D 341 -16.47 -5.92 -14.38
C ASP D 341 -15.39 -5.16 -13.61
N VAL D 342 -15.53 -5.05 -12.29
CA VAL D 342 -14.51 -4.36 -11.51
C VAL D 342 -13.18 -5.08 -11.58
N ILE D 343 -13.19 -6.42 -11.51
CA ILE D 343 -11.96 -7.18 -11.64
C ILE D 343 -11.33 -6.96 -12.99
N ILE D 344 -12.15 -6.89 -14.05
CA ILE D 344 -11.62 -6.64 -15.38
C ILE D 344 -10.88 -5.31 -15.41
N LYS D 345 -11.49 -4.27 -14.86
CA LYS D 345 -10.84 -2.96 -14.86
C LYS D 345 -9.54 -2.99 -14.08
N ASN D 346 -9.53 -3.67 -12.93
CA ASN D 346 -8.30 -3.75 -12.14
C ASN D 346 -7.19 -4.45 -12.91
N ASN D 347 -7.52 -5.56 -13.57
CA ASN D 347 -6.51 -6.26 -14.34
C ASN D 347 -5.99 -5.40 -15.47
N LEU D 348 -6.87 -4.65 -16.13
CA LEU D 348 -6.42 -3.76 -17.19
C LEU D 348 -5.48 -2.70 -16.65
N LYS D 349 -5.76 -2.18 -15.45
CA LYS D 349 -4.84 -1.22 -14.85
C LYS D 349 -3.49 -1.86 -14.57
N ASP D 350 -3.49 -3.08 -14.02
CA ASP D 350 -2.23 -3.71 -13.64
C ASP D 350 -1.39 -4.08 -14.85
N CYS D 351 -2.02 -4.51 -15.94
CA CYS D 351 -1.27 -4.88 -17.14
C CYS D 351 -0.67 -3.66 -17.84
N GLY D 352 -1.18 -2.47 -17.55
CA GLY D 352 -0.61 -1.27 -18.14
C GLY D 352 -1.36 -0.77 -19.35
N LEU D 353 -2.68 -0.87 -19.34
CA LEU D 353 -3.49 -0.33 -20.43
C LEU D 353 -4.54 0.66 -19.96
N PHE D 354 -4.67 0.91 -18.66
CA PHE D 354 -5.50 1.99 -18.12
C PHE D 354 -7.00 1.80 -18.38
C28 KZR E . 20.93 -15.17 -39.62
C27 KZR E . 22.43 -15.55 -39.55
C26 KZR E . 26.86 -14.77 -38.54
C25 KZR E . 28.22 -14.60 -38.72
C23 KZR E . 28.53 -14.56 -36.33
C22 KZR E . 27.16 -14.73 -36.15
C21 KZR E . 26.34 -14.84 -37.24
C19 KZR E . 24.19 -15.56 -38.35
N18 KZR E . 22.85 -15.41 -38.33
C15 KZR E . 20.12 -15.98 -38.66
C16 KZR E . 20.84 -16.00 -37.33
C17 KZR E . 22.35 -16.30 -37.55
C12 KZR E . 15.98 -10.21 -31.93
C10 KZR E . 16.70 -10.59 -34.31
N11 KZR E . 16.79 -10.94 -32.89
C01 KZR E . 15.32 -16.74 -39.67
C02 KZR E . 16.22 -15.58 -39.25
C03 KZR E . 17.68 -16.06 -39.30
N04 KZR E . 18.75 -15.40 -38.52
C05 KZR E . 18.50 -14.22 -37.63
C06 KZR E . 18.37 -12.90 -38.44
C07 KZR E . 18.58 -11.68 -37.49
C08 KZR E . 17.30 -11.46 -36.63
C09 KZR E . 17.68 -11.49 -35.13
N13 KZR E . 16.04 -10.52 -30.51
N14 KZR E . 15.22 -9.30 -32.32
C20 KZR E . 24.81 -15.03 -37.04
C24 KZR E . 29.06 -14.49 -37.63
O29 KZR E . 17.94 -16.99 -39.98
#